data_2OB1
#
_entry.id   2OB1
#
_cell.length_a   110.620
_cell.length_b   110.620
_cell.length_c   161.940
_cell.angle_alpha   90.00
_cell.angle_beta   90.00
_cell.angle_gamma   120.00
#
_symmetry.space_group_name_H-M   'P 65'
#
loop_
_entity.id
_entity.type
_entity.pdbx_description
1 polymer 'Leucine carboxyl methyltransferase 1'
2 non-polymer 'PHOSPHATE ION'
3 water water
#
_entity_poly.entity_id   1
_entity_poly.type   'polypeptide(L)'
_entity_poly.pdbx_seq_one_letter_code
;YDALSCKLAAISVGYLPSSGLQRLSVDLSKKYTEWHRSYLITLKKFSRRAFGKVDKAMRSSFPVMNYGTYLRTVGIDAAI
LEFLVANEKVQVVNLGCGSDLRMLPLLQMFPHLAYVDIDYNESVELKNSILRESEILRISLGLSKEDTAKSPFLIDQGRY
KLAACDLNDITETTRLLDVCTKREIPTIVISECLLCYMHNNESQLLINTIMSKFSHGLWISYDPIGGSQPNDRFGAIMQS
NLKESRNLEMPTLMTYNSKEKYASRWSAAPNVIVNDMWEIFNAQIPESERKRLRSLQFLDELEELKVMQTHYILMKAQW
;
_entity_poly.pdbx_strand_id   A,B,C
#
loop_
_chem_comp.id
_chem_comp.type
_chem_comp.name
_chem_comp.formula
PO4 non-polymer 'PHOSPHATE ION' 'O4 P -3'
#
# COMPACT_ATOMS: atom_id res chain seq x y z
N TYR A 1 -1.87 -9.74 24.65
CA TYR A 1 -0.53 -9.21 24.19
C TYR A 1 -0.72 -7.77 23.76
N ASP A 2 -0.46 -6.84 24.68
CA ASP A 2 -0.66 -5.43 24.47
C ASP A 2 -0.10 -4.92 23.15
N ALA A 3 1.19 -5.16 22.88
CA ALA A 3 1.80 -4.53 21.72
C ALA A 3 1.21 -5.06 20.42
N LEU A 4 1.07 -6.38 20.35
CA LEU A 4 0.49 -6.98 19.17
C LEU A 4 -0.94 -6.47 18.93
N SER A 5 -1.75 -6.40 19.99
CA SER A 5 -3.14 -5.96 19.82
CA SER A 5 -3.15 -5.94 19.86
C SER A 5 -3.19 -4.50 19.39
N CYS A 6 -2.27 -3.70 19.92
CA CYS A 6 -2.17 -2.29 19.52
C CYS A 6 -1.81 -2.18 18.05
N LYS A 7 -0.84 -3.00 17.64
CA LYS A 7 -0.38 -2.98 16.26
C LYS A 7 -1.48 -3.35 15.28
N LEU A 8 -2.17 -4.43 15.60
CA LEU A 8 -3.20 -4.96 14.73
C LEU A 8 -4.40 -4.03 14.61
N ALA A 9 -4.73 -3.33 15.68
CA ALA A 9 -5.80 -2.31 15.67
C ALA A 9 -5.42 -1.14 14.79
N ALA A 10 -4.18 -0.63 14.92
CA ALA A 10 -3.72 0.45 14.11
C ALA A 10 -3.72 0.08 12.62
N ILE A 11 -3.37 -1.18 12.35
CA ILE A 11 -3.33 -1.71 11.01
C ILE A 11 -4.80 -1.85 10.49
N SER A 12 -5.67 -2.40 11.32
CA SER A 12 -7.07 -2.56 10.95
C SER A 12 -7.71 -1.23 10.58
N VAL A 13 -7.50 -0.21 11.41
CA VAL A 13 -8.07 1.11 11.13
C VAL A 13 -7.40 1.71 9.90
N GLY A 14 -6.11 1.46 9.70
CA GLY A 14 -5.45 2.01 8.51
C GLY A 14 -4.34 2.99 8.87
N TYR A 15 -4.04 3.18 10.17
CA TYR A 15 -2.91 4.04 10.56
C TYR A 15 -1.63 3.53 9.94
N LEU A 16 -1.48 2.22 9.98
CA LEU A 16 -0.32 1.54 9.47
C LEU A 16 -0.82 0.55 8.43
N PRO A 17 -0.03 0.30 7.39
CA PRO A 17 1.29 0.92 7.18
C PRO A 17 1.24 2.36 6.71
N SER A 18 2.30 3.07 7.04
CA SER A 18 2.51 4.41 6.52
CA SER A 18 2.52 4.39 6.55
C SER A 18 3.65 4.23 5.55
N SER A 19 3.30 4.11 4.28
CA SER A 19 4.29 3.72 3.27
CA SER A 19 4.28 3.75 3.24
C SER A 19 5.42 4.75 3.14
N GLY A 20 5.13 6.02 3.43
CA GLY A 20 6.14 7.04 3.31
C GLY A 20 7.14 6.93 4.45
N LEU A 21 6.65 7.01 5.69
CA LEU A 21 7.55 6.94 6.84
C LEU A 21 8.25 5.57 7.04
N GLN A 22 7.54 4.51 6.70
CA GLN A 22 8.08 3.16 6.81
C GLN A 22 8.82 2.71 5.54
N ARG A 23 8.80 3.61 4.55
CA ARG A 23 9.48 3.48 3.27
C ARG A 23 9.11 2.18 2.57
N LEU A 24 7.82 1.88 2.57
CA LEU A 24 7.33 0.63 2.04
C LEU A 24 6.85 0.82 0.59
N SER A 25 7.17 -0.16 -0.22
CA SER A 25 6.75 -0.18 -1.61
C SER A 25 5.27 -0.51 -1.68
N VAL A 26 4.69 -0.50 -2.89
CA VAL A 26 3.31 -0.90 -3.03
C VAL A 26 3.16 -2.36 -2.50
N ASP A 27 4.08 -3.22 -2.90
CA ASP A 27 3.95 -4.63 -2.58
C ASP A 27 4.24 -4.86 -1.11
N LEU A 28 5.26 -4.18 -0.56
CA LEU A 28 5.54 -4.34 0.87
C LEU A 28 4.46 -3.75 1.77
N SER A 29 3.84 -2.64 1.34
CA SER A 29 2.70 -2.08 2.09
C SER A 29 1.59 -3.11 2.20
N LYS A 30 1.34 -3.81 1.09
CA LYS A 30 0.30 -4.85 1.07
C LYS A 30 0.74 -5.98 1.97
N LYS A 31 1.99 -6.43 1.81
CA LYS A 31 2.53 -7.53 2.64
C LYS A 31 2.54 -7.18 4.14
N TYR A 32 2.84 -5.93 4.44
CA TYR A 32 2.89 -5.48 5.82
C TYR A 32 1.55 -5.79 6.50
N THR A 33 0.46 -5.45 5.82
CA THR A 33 -0.87 -5.75 6.35
C THR A 33 -1.14 -7.27 6.38
N GLU A 34 -0.81 -7.97 5.29
CA GLU A 34 -1.04 -9.43 5.16
C GLU A 34 -0.27 -10.24 6.20
N TRP A 35 1.00 -9.89 6.40
CA TRP A 35 1.82 -10.56 7.41
C TRP A 35 1.24 -10.43 8.82
N HIS A 36 0.81 -9.22 9.19
CA HIS A 36 0.24 -8.99 10.48
C HIS A 36 -1.08 -9.69 10.66
N ARG A 37 -1.90 -9.65 9.64
CA ARG A 37 -3.18 -10.33 9.66
C ARG A 37 -2.97 -11.83 9.80
N SER A 38 -2.02 -12.38 9.04
CA SER A 38 -1.69 -13.81 9.19
C SER A 38 -1.11 -14.16 10.55
N TYR A 39 -0.32 -13.25 11.11
CA TYR A 39 0.18 -13.44 12.44
C TYR A 39 -0.97 -13.64 13.41
N LEU A 40 -1.98 -12.78 13.35
CA LEU A 40 -3.13 -12.90 14.21
C LEU A 40 -3.87 -14.23 14.02
N ILE A 41 -4.15 -14.59 12.77
CA ILE A 41 -4.90 -15.81 12.44
C ILE A 41 -4.13 -17.03 12.96
N THR A 42 -2.82 -16.97 12.78
CA THR A 42 -1.97 -18.09 13.22
C THR A 42 -1.84 -18.13 14.74
N LEU A 43 -1.77 -16.96 15.37
CA LEU A 43 -1.83 -16.91 16.83
C LEU A 43 -3.06 -17.65 17.32
N LYS A 44 -4.17 -17.44 16.61
CA LYS A 44 -5.42 -18.06 17.05
C LYS A 44 -5.28 -19.57 17.04
N LYS A 45 -4.65 -20.12 16.01
CA LYS A 45 -4.38 -21.56 15.95
C LYS A 45 -3.62 -22.10 17.16
N PHE A 46 -2.64 -21.30 17.63
CA PHE A 46 -1.80 -21.71 18.76
C PHE A 46 -2.26 -21.39 20.16
N SER A 47 -3.18 -20.43 20.30
CA SER A 47 -3.65 -20.04 21.61
C SER A 47 -5.00 -19.35 21.55
N ARG A 48 -6.04 -20.04 21.98
CA ARG A 48 -7.34 -19.41 22.13
C ARG A 48 -7.25 -18.23 23.09
N ARG A 49 -6.53 -18.41 24.20
CA ARG A 49 -6.47 -17.40 25.22
C ARG A 49 -5.82 -16.11 24.70
N ALA A 50 -4.65 -16.23 24.07
CA ALA A 50 -3.93 -15.06 23.52
C ALA A 50 -4.75 -14.39 22.42
N PHE A 51 -5.38 -15.20 21.57
CA PHE A 51 -6.20 -14.66 20.53
C PHE A 51 -7.37 -13.84 21.09
N GLY A 52 -8.07 -14.39 22.08
CA GLY A 52 -9.16 -13.70 22.77
C GLY A 52 -8.72 -12.37 23.35
N LYS A 53 -7.57 -12.36 24.02
CA LYS A 53 -7.07 -11.12 24.63
C LYS A 53 -6.80 -10.09 23.54
N VAL A 54 -6.23 -10.54 22.43
CA VAL A 54 -5.87 -9.61 21.33
C VAL A 54 -7.14 -9.11 20.63
N ASP A 55 -8.05 -10.04 20.35
CA ASP A 55 -9.33 -9.71 19.77
C ASP A 55 -10.04 -8.64 20.61
N LYS A 56 -10.14 -8.85 21.91
CA LYS A 56 -10.85 -7.93 22.78
C LYS A 56 -10.18 -6.56 22.82
N ALA A 57 -8.86 -6.57 22.96
CA ALA A 57 -8.11 -5.34 22.98
C ALA A 57 -8.31 -4.57 21.68
N MET A 58 -8.33 -5.27 20.54
CA MET A 58 -8.46 -4.62 19.21
C MET A 58 -9.78 -3.94 19.02
N ARG A 59 -10.87 -4.62 19.38
CA ARG A 59 -12.23 -4.10 19.35
C ARG A 59 -12.45 -2.86 20.26
N SER A 60 -11.73 -2.80 21.37
CA SER A 60 -11.92 -1.68 22.28
C SER A 60 -10.86 -0.59 22.08
N SER A 61 -10.04 -0.71 21.02
CA SER A 61 -9.00 0.27 20.75
C SER A 61 -9.65 1.63 20.49
N PHE A 62 -9.00 2.70 20.91
CA PHE A 62 -9.56 4.00 20.64
C PHE A 62 -8.51 4.84 19.92
N PRO A 63 -8.94 5.96 19.29
CA PRO A 63 -8.04 6.82 18.52
C PRO A 63 -6.76 7.25 19.24
N VAL A 64 -6.83 7.65 20.51
CA VAL A 64 -5.62 8.11 21.22
C VAL A 64 -4.56 7.00 21.23
N MET A 65 -5.01 5.78 21.56
CA MET A 65 -4.14 4.58 21.54
CA MET A 65 -4.11 4.61 21.57
C MET A 65 -3.56 4.32 20.16
N ASN A 66 -4.42 4.42 19.15
CA ASN A 66 -4.02 4.15 17.77
C ASN A 66 -2.95 5.15 17.29
N TYR A 67 -3.11 6.43 17.64
CA TYR A 67 -2.08 7.42 17.38
C TYR A 67 -0.78 7.05 18.12
N GLY A 68 -0.91 6.59 19.36
CA GLY A 68 0.25 6.18 20.15
C GLY A 68 1.01 5.07 19.41
N THR A 69 0.25 4.08 18.96
CA THR A 69 0.84 2.94 18.24
C THR A 69 1.49 3.38 16.93
N TYR A 70 0.80 4.24 16.18
CA TYR A 70 1.36 4.80 14.95
C TYR A 70 2.71 5.47 15.25
N LEU A 71 2.74 6.32 16.25
CA LEU A 71 3.91 7.19 16.52
C LEU A 71 5.10 6.33 16.90
N ARG A 72 4.81 5.34 17.71
CA ARG A 72 5.79 4.38 18.22
C ARG A 72 6.41 3.67 17.04
N THR A 73 5.57 3.20 16.14
CA THR A 73 6.03 2.38 15.02
C THR A 73 6.80 3.22 14.03
N VAL A 74 6.23 4.34 13.57
CA VAL A 74 6.93 5.14 12.59
C VAL A 74 8.17 5.86 13.14
N GLY A 75 8.14 6.22 14.43
CA GLY A 75 9.32 6.81 15.12
C GLY A 75 10.54 5.89 15.08
N ILE A 76 10.31 4.65 15.48
CA ILE A 76 11.37 3.64 15.48
C ILE A 76 11.80 3.32 14.05
N ASP A 77 10.81 3.13 13.18
CA ASP A 77 11.10 2.77 11.80
C ASP A 77 11.91 3.83 11.10
N ALA A 78 11.56 5.08 11.33
CA ALA A 78 12.28 6.18 10.66
C ALA A 78 13.75 6.23 11.09
N ALA A 79 14.00 5.96 12.38
CA ALA A 79 15.34 5.93 12.96
C ALA A 79 16.11 4.76 12.35
N ILE A 80 15.44 3.61 12.30
CA ILE A 80 16.07 2.40 11.75
C ILE A 80 16.46 2.68 10.30
N LEU A 81 15.50 3.16 9.53
CA LEU A 81 15.67 3.27 8.08
C LEU A 81 16.71 4.28 7.70
N GLU A 82 16.78 5.41 8.40
CA GLU A 82 17.91 6.36 8.17
C GLU A 82 19.27 5.67 8.24
N PHE A 83 19.49 4.91 9.31
CA PHE A 83 20.77 4.21 9.56
C PHE A 83 20.98 3.10 8.53
N LEU A 84 19.91 2.36 8.18
CA LEU A 84 20.07 1.26 7.21
C LEU A 84 20.43 1.78 5.82
N VAL A 85 19.86 2.91 5.45
CA VAL A 85 20.15 3.52 4.14
C VAL A 85 21.61 3.97 4.10
N ALA A 86 22.13 4.39 5.24
CA ALA A 86 23.51 4.89 5.30
C ALA A 86 24.53 3.75 5.48
N ASN A 87 24.07 2.56 5.80
CA ASN A 87 24.95 1.46 6.21
C ASN A 87 24.46 0.20 5.57
N GLU A 88 25.01 -0.09 4.42
CA GLU A 88 24.47 -1.19 3.63
C GLU A 88 24.58 -2.55 4.38
N LYS A 89 25.73 -2.77 5.02
CA LYS A 89 25.99 -4.00 5.73
C LYS A 89 25.85 -3.66 7.20
N VAL A 90 24.81 -4.22 7.80
CA VAL A 90 24.41 -3.85 9.15
CA VAL A 90 24.33 -3.83 9.12
C VAL A 90 23.80 -5.07 9.80
N GLN A 91 23.80 -5.07 11.12
CA GLN A 91 23.11 -6.11 11.85
C GLN A 91 22.12 -5.39 12.77
N VAL A 92 20.92 -5.93 12.91
CA VAL A 92 19.93 -5.40 13.81
C VAL A 92 19.78 -6.43 14.90
N VAL A 93 19.83 -5.98 16.14
CA VAL A 93 19.54 -6.81 17.29
C VAL A 93 18.28 -6.26 17.97
N ASN A 94 17.22 -7.05 17.92
CA ASN A 94 15.95 -6.63 18.50
C ASN A 94 15.83 -7.33 19.82
N LEU A 95 16.06 -6.57 20.89
CA LEU A 95 16.01 -7.12 22.23
C LEU A 95 14.59 -7.10 22.75
N GLY A 96 14.07 -8.25 23.17
CA GLY A 96 12.68 -8.32 23.63
C GLY A 96 11.72 -8.17 22.47
N CYS A 97 11.97 -8.95 21.41
CA CYS A 97 11.33 -8.69 20.13
C CYS A 97 9.81 -8.92 20.11
N GLY A 98 9.29 -9.74 21.05
CA GLY A 98 7.88 -10.10 21.07
C GLY A 98 7.40 -10.49 19.68
N SER A 99 6.24 -9.97 19.26
CA SER A 99 5.66 -10.31 17.94
CA SER A 99 5.67 -10.32 17.93
C SER A 99 6.09 -9.35 16.84
N ASP A 100 7.12 -8.56 17.09
CA ASP A 100 7.54 -7.61 16.09
C ASP A 100 7.83 -8.31 14.78
N LEU A 101 7.30 -7.76 13.69
CA LEU A 101 7.58 -8.33 12.35
C LEU A 101 8.40 -7.39 11.49
N ARG A 102 9.11 -6.44 12.08
CA ARG A 102 9.82 -5.53 11.20
C ARG A 102 10.91 -6.20 10.38
N MET A 103 11.39 -7.35 10.82
CA MET A 103 12.37 -8.06 10.01
C MET A 103 11.83 -8.44 8.63
N LEU A 104 10.52 -8.61 8.51
CA LEU A 104 10.02 -9.12 7.25
C LEU A 104 10.23 -8.09 6.13
N PRO A 105 9.71 -6.85 6.25
CA PRO A 105 10.07 -5.90 5.20
C PRO A 105 11.58 -5.56 5.16
N LEU A 106 12.23 -5.46 6.32
CA LEU A 106 13.60 -4.94 6.36
C LEU A 106 14.56 -5.88 5.67
N LEU A 107 14.41 -7.17 5.91
CA LEU A 107 15.29 -8.18 5.31
C LEU A 107 15.13 -8.14 3.79
N GLN A 108 13.91 -7.89 3.32
CA GLN A 108 13.64 -7.74 1.91
C GLN A 108 14.25 -6.47 1.35
N MET A 109 14.09 -5.36 2.08
CA MET A 109 14.47 -4.04 1.62
C MET A 109 15.97 -3.82 1.57
N PHE A 110 16.67 -4.49 2.49
CA PHE A 110 18.11 -4.33 2.72
C PHE A 110 18.82 -5.69 2.57
N PRO A 111 19.31 -6.01 1.35
CA PRO A 111 19.95 -7.31 1.05
C PRO A 111 21.14 -7.70 1.93
N HIS A 112 21.79 -6.74 2.58
CA HIS A 112 22.96 -7.07 3.42
C HIS A 112 22.71 -6.85 4.89
N LEU A 113 21.44 -6.73 5.27
CA LEU A 113 21.05 -6.63 6.68
C LEU A 113 21.03 -8.08 7.27
N ALA A 114 21.60 -8.24 8.47
CA ALA A 114 21.38 -9.44 9.25
C ALA A 114 20.55 -9.02 10.44
N TYR A 115 19.59 -9.85 10.79
CA TYR A 115 18.66 -9.46 11.85
C TYR A 115 18.63 -10.58 12.88
N VAL A 116 18.71 -10.18 14.15
CA VAL A 116 18.60 -11.12 15.28
C VAL A 116 17.46 -10.71 16.20
N ASP A 117 16.51 -11.61 16.37
CA ASP A 117 15.38 -11.41 17.29
C ASP A 117 15.76 -12.19 18.54
N ILE A 118 15.62 -11.56 19.69
CA ILE A 118 15.93 -12.17 21.01
C ILE A 118 14.81 -11.87 21.93
N ASP A 119 14.30 -12.91 22.57
CA ASP A 119 13.32 -12.73 23.63
C ASP A 119 13.39 -13.90 24.59
N TYR A 120 12.61 -13.84 25.65
CA TYR A 120 12.60 -14.97 26.54
C TYR A 120 11.99 -16.19 25.87
N ASN A 121 12.35 -17.33 26.41
CA ASN A 121 12.07 -18.60 25.82
C ASN A 121 10.62 -18.79 25.32
N GLU A 122 9.65 -18.53 26.19
CA GLU A 122 8.23 -18.77 25.90
C GLU A 122 7.74 -17.90 24.74
N SER A 123 8.23 -16.67 24.74
CA SER A 123 7.89 -15.71 23.70
C SER A 123 8.47 -16.13 22.37
N VAL A 124 9.75 -16.48 22.36
CA VAL A 124 10.35 -16.88 21.07
C VAL A 124 9.81 -18.20 20.57
N GLU A 125 9.40 -19.09 21.47
CA GLU A 125 8.86 -20.35 21.07
C GLU A 125 7.51 -20.14 20.33
N LEU A 126 6.71 -19.23 20.84
CA LEU A 126 5.42 -18.99 20.23
C LEU A 126 5.63 -18.29 18.93
N LYS A 127 6.51 -17.29 18.89
CA LYS A 127 6.85 -16.61 17.61
C LYS A 127 7.33 -17.61 16.55
N ASN A 128 8.28 -18.48 16.91
CA ASN A 128 8.77 -19.51 16.02
C ASN A 128 7.59 -20.39 15.53
N SER A 129 6.72 -20.81 16.43
CA SER A 129 5.55 -21.63 16.00
C SER A 129 4.73 -20.92 14.93
N ILE A 130 4.41 -19.65 15.21
CA ILE A 130 3.64 -18.81 14.31
C ILE A 130 4.35 -18.56 12.98
N LEU A 131 5.58 -18.11 13.01
CA LEU A 131 6.29 -17.90 11.74
C LEU A 131 6.38 -19.13 10.82
N ARG A 132 6.59 -20.28 11.44
CA ARG A 132 6.72 -21.52 10.69
C ARG A 132 5.39 -22.06 10.24
N GLU A 133 4.31 -21.74 10.98
CA GLU A 133 3.00 -22.34 10.65
C GLU A 133 2.30 -21.58 9.56
N SER A 134 2.40 -20.25 9.62
CA SER A 134 1.82 -19.43 8.60
C SER A 134 2.56 -19.59 7.28
N GLU A 135 1.81 -19.90 6.23
CA GLU A 135 2.49 -20.02 4.94
C GLU A 135 3.13 -18.73 4.46
N ILE A 136 2.40 -17.62 4.57
CA ILE A 136 2.90 -16.34 4.10
C ILE A 136 4.12 -15.90 4.91
N LEU A 137 4.11 -16.10 6.22
CA LEU A 137 5.27 -15.75 7.01
C LEU A 137 6.46 -16.68 6.74
N ARG A 138 6.20 -17.98 6.72
CA ARG A 138 7.23 -18.99 6.38
C ARG A 138 7.94 -18.60 5.09
N ILE A 139 7.14 -18.30 4.06
CA ILE A 139 7.65 -17.95 2.75
C ILE A 139 8.45 -16.66 2.78
N SER A 140 8.01 -15.67 3.54
CA SER A 140 8.77 -14.43 3.58
CA SER A 140 8.74 -14.39 3.67
C SER A 140 10.15 -14.62 4.20
N LEU A 141 10.32 -15.64 5.04
CA LEU A 141 11.61 -15.86 5.67
C LEU A 141 12.37 -17.05 5.06
N GLY A 142 11.77 -17.72 4.06
CA GLY A 142 12.33 -18.96 3.50
C GLY A 142 12.49 -20.09 4.49
N LEU A 143 11.56 -20.21 5.42
CA LEU A 143 11.62 -21.22 6.46
C LEU A 143 10.98 -22.51 6.02
N SER A 144 11.32 -23.57 6.76
CA SER A 144 10.59 -24.84 6.72
CA SER A 144 10.59 -24.84 6.72
C SER A 144 9.52 -24.87 7.80
N LYS A 145 8.48 -25.68 7.59
CA LYS A 145 7.38 -25.79 8.57
C LYS A 145 7.83 -26.47 9.88
N GLU A 146 8.69 -27.47 9.75
CA GLU A 146 9.18 -28.21 10.91
C GLU A 146 10.39 -27.46 11.46
N ASP A 147 10.58 -27.49 12.79
CA ASP A 147 11.57 -26.67 13.50
C ASP A 147 13.09 -26.93 13.22
N THR A 148 13.50 -26.91 11.95
CA THR A 148 14.94 -27.07 11.55
C THR A 148 16.12 -26.71 12.49
N ALA A 149 16.13 -25.49 13.02
CA ALA A 149 17.38 -24.92 13.61
C ALA A 149 17.92 -25.61 14.88
N LYS A 150 19.16 -25.31 15.20
CA LYS A 150 19.76 -25.90 16.35
C LYS A 150 20.06 -24.84 17.41
N SER A 151 19.88 -25.24 18.66
CA SER A 151 20.21 -24.42 19.80
C SER A 151 21.59 -23.78 19.56
N PRO A 152 21.75 -22.48 19.85
CA PRO A 152 20.83 -21.63 20.62
C PRO A 152 19.70 -20.95 19.81
N PHE A 153 19.49 -21.34 18.55
CA PHE A 153 18.49 -20.66 17.67
C PHE A 153 17.26 -21.50 17.44
N LEU A 154 16.11 -20.87 17.44
CA LEU A 154 14.87 -21.48 16.97
C LEU A 154 14.76 -21.35 15.48
N ILE A 155 15.17 -20.19 14.97
CA ILE A 155 15.33 -19.95 13.55
C ILE A 155 16.75 -19.45 13.32
N ASP A 156 17.40 -20.04 12.33
CA ASP A 156 18.69 -19.52 11.91
C ASP A 156 18.74 -19.74 10.40
N GLN A 157 18.21 -18.77 9.69
CA GLN A 157 17.79 -19.02 8.34
C GLN A 157 18.11 -17.83 7.49
N GLY A 158 19.17 -17.97 6.69
CA GLY A 158 19.68 -16.88 5.90
C GLY A 158 20.11 -15.79 6.84
N ARG A 159 19.55 -14.60 6.66
CA ARG A 159 19.97 -13.40 7.38
C ARG A 159 19.06 -13.12 8.58
N TYR A 160 18.29 -14.11 9.02
CA TYR A 160 17.43 -13.91 10.21
C TYR A 160 17.72 -14.99 11.26
N LYS A 161 17.88 -14.59 12.51
CA LYS A 161 17.94 -15.54 13.62
C LYS A 161 16.92 -15.15 14.68
N LEU A 162 16.40 -16.19 15.31
CA LEU A 162 15.46 -16.02 16.39
C LEU A 162 16.03 -16.88 17.51
N ALA A 163 16.32 -16.23 18.63
CA ALA A 163 16.98 -16.90 19.76
C ALA A 163 16.31 -16.59 21.10
N ALA A 164 16.18 -17.62 21.93
CA ALA A 164 15.77 -17.45 23.32
C ALA A 164 16.96 -16.92 24.14
N CYS A 165 16.68 -16.01 25.05
CA CYS A 165 17.71 -15.51 25.96
C CYS A 165 17.04 -14.87 27.17
N ASP A 166 17.68 -14.99 28.33
CA ASP A 166 17.27 -14.25 29.49
C ASP A 166 18.08 -12.96 29.45
N LEU A 167 17.41 -11.86 29.10
CA LEU A 167 18.12 -10.59 28.88
C LEU A 167 18.50 -9.94 30.18
N ASN A 168 17.97 -10.49 31.28
CA ASN A 168 18.48 -10.16 32.61
C ASN A 168 19.76 -10.90 32.96
N ASP A 169 20.20 -11.79 32.07
CA ASP A 169 21.42 -12.51 32.34
C ASP A 169 22.45 -12.00 31.37
N ILE A 170 23.31 -11.08 31.82
CA ILE A 170 24.09 -10.48 30.75
C ILE A 170 25.21 -11.37 30.18
N THR A 171 25.68 -12.36 30.93
CA THR A 171 26.67 -13.30 30.41
C THR A 171 26.07 -14.19 29.31
N GLU A 172 24.86 -14.67 29.55
CA GLU A 172 24.17 -15.40 28.52
C GLU A 172 23.99 -14.57 27.28
N THR A 173 23.58 -13.33 27.46
CA THR A 173 23.27 -12.41 26.35
C THR A 173 24.53 -12.14 25.54
N THR A 174 25.66 -11.91 26.21
CA THR A 174 26.89 -11.61 25.49
C THR A 174 27.43 -12.81 24.69
N ARG A 175 27.35 -13.99 25.30
CA ARG A 175 27.68 -15.26 24.65
C ARG A 175 26.78 -15.54 23.46
N LEU A 176 25.50 -15.22 23.60
CA LEU A 176 24.60 -15.35 22.45
C LEU A 176 25.01 -14.43 21.33
N LEU A 177 25.23 -13.16 21.67
CA LEU A 177 25.62 -12.17 20.67
C LEU A 177 26.93 -12.56 19.99
N ASP A 178 27.85 -13.17 20.76
CA ASP A 178 29.13 -13.66 20.21
C ASP A 178 28.95 -14.59 19.02
N VAL A 179 27.88 -15.39 19.04
CA VAL A 179 27.69 -16.35 17.97
C VAL A 179 26.73 -15.88 16.89
N CYS A 180 26.14 -14.68 17.03
CA CYS A 180 25.27 -14.24 15.94
C CYS A 180 25.52 -12.84 15.42
N THR A 181 26.59 -12.21 15.90
CA THR A 181 26.97 -10.86 15.46
C THR A 181 28.48 -10.78 15.43
N LYS A 182 28.98 -9.77 14.71
CA LYS A 182 30.40 -9.46 14.59
C LYS A 182 30.59 -8.04 15.14
N ARG A 183 31.62 -7.86 15.96
CA ARG A 183 32.00 -6.53 16.50
C ARG A 183 32.09 -5.43 15.46
N GLU A 184 32.59 -5.76 14.26
CA GLU A 184 32.96 -4.75 13.27
C GLU A 184 31.86 -4.35 12.31
N ILE A 185 30.70 -5.00 12.41
CA ILE A 185 29.53 -4.62 11.59
C ILE A 185 28.66 -3.56 12.31
N PRO A 186 28.30 -2.45 11.61
CA PRO A 186 27.41 -1.43 12.19
C PRO A 186 26.17 -2.13 12.72
N THR A 187 25.80 -1.82 13.95
CA THR A 187 24.75 -2.54 14.64
C THR A 187 23.63 -1.63 15.11
N ILE A 188 22.39 -1.98 14.77
CA ILE A 188 21.25 -1.29 15.40
C ILE A 188 20.73 -2.17 16.51
N VAL A 189 20.59 -1.60 17.70
CA VAL A 189 20.01 -2.29 18.81
C VAL A 189 18.67 -1.66 19.05
N ILE A 190 17.64 -2.51 19.17
CA ILE A 190 16.29 -2.02 19.40
C ILE A 190 15.80 -2.53 20.73
N SER A 191 15.27 -1.63 21.55
CA SER A 191 14.68 -2.04 22.82
C SER A 191 13.39 -1.27 22.92
N GLU A 192 12.31 -1.89 22.47
CA GLU A 192 10.99 -1.21 22.44
C GLU A 192 10.17 -1.75 23.60
N CYS A 193 9.98 -0.93 24.65
CA CYS A 193 9.28 -1.34 25.88
C CYS A 193 9.91 -2.59 26.45
N LEU A 194 11.24 -2.62 26.47
CA LEU A 194 11.97 -3.73 27.05
C LEU A 194 12.54 -3.31 28.41
N LEU A 195 13.33 -2.23 28.39
CA LEU A 195 14.08 -1.80 29.56
C LEU A 195 13.17 -1.30 30.66
N CYS A 196 11.97 -0.86 30.31
CA CYS A 196 11.01 -0.42 31.34
C CYS A 196 10.63 -1.54 32.31
N TYR A 197 10.79 -2.81 31.92
CA TYR A 197 10.45 -3.88 32.83
C TYR A 197 11.63 -4.42 33.62
N MET A 198 12.79 -3.82 33.42
CA MET A 198 14.01 -4.33 34.03
C MET A 198 14.44 -3.47 35.21
N HIS A 199 15.11 -4.09 36.17
CA HIS A 199 15.72 -3.35 37.25
C HIS A 199 16.89 -2.57 36.66
N ASN A 200 17.25 -1.48 37.30
CA ASN A 200 18.29 -0.61 36.77
C ASN A 200 19.64 -1.27 36.56
N ASN A 201 20.02 -2.22 37.44
CA ASN A 201 21.33 -2.85 37.29
C ASN A 201 21.35 -3.61 35.97
N GLU A 202 20.30 -4.40 35.75
CA GLU A 202 20.25 -5.23 34.57
C GLU A 202 20.21 -4.38 33.30
N SER A 203 19.39 -3.33 33.30
CA SER A 203 19.25 -2.54 32.10
C SER A 203 20.53 -1.78 31.86
N GLN A 204 21.15 -1.22 32.91
CA GLN A 204 22.41 -0.51 32.70
C GLN A 204 23.51 -1.41 32.23
N LEU A 205 23.61 -2.60 32.83
CA LEU A 205 24.64 -3.54 32.38
C LEU A 205 24.40 -4.01 30.96
N LEU A 206 23.13 -4.21 30.59
CA LEU A 206 22.80 -4.59 29.26
C LEU A 206 23.21 -3.48 28.27
N ILE A 207 22.87 -2.24 28.63
CA ILE A 207 23.22 -1.12 27.76
C ILE A 207 24.73 -1.03 27.59
N ASN A 208 25.45 -1.07 28.69
CA ASN A 208 26.89 -0.84 28.65
C ASN A 208 27.61 -1.93 27.88
N THR A 209 27.26 -3.16 28.22
CA THR A 209 27.88 -4.33 27.61
C THR A 209 27.59 -4.41 26.12
N ILE A 210 26.33 -4.26 25.74
CA ILE A 210 26.02 -4.37 24.34
C ILE A 210 26.66 -3.28 23.48
N MET A 211 26.53 -2.01 23.89
CA MET A 211 27.24 -0.94 23.20
C MET A 211 28.74 -1.24 23.06
N SER A 212 29.35 -1.72 24.15
CA SER A 212 30.78 -2.12 24.11
C SER A 212 31.14 -3.28 23.19
N LYS A 213 30.16 -4.06 22.73
CA LYS A 213 30.38 -5.22 21.85
CA LYS A 213 30.43 -5.21 21.86
C LYS A 213 30.57 -4.85 20.37
N PHE A 214 30.15 -3.64 20.00
CA PHE A 214 30.11 -3.21 18.62
C PHE A 214 30.88 -1.92 18.45
N SER A 215 31.77 -1.92 17.48
CA SER A 215 32.54 -0.72 17.18
C SER A 215 31.68 0.50 16.92
N HIS A 216 30.58 0.33 16.16
CA HIS A 216 29.71 1.46 15.79
C HIS A 216 28.31 0.96 15.74
N GLY A 217 27.37 1.82 16.11
CA GLY A 217 26.01 1.44 15.99
C GLY A 217 25.02 2.50 16.37
N LEU A 218 23.78 2.06 16.52
CA LEU A 218 22.68 2.95 16.87
C LEU A 218 21.79 2.16 17.82
N TRP A 219 21.57 2.69 19.01
CA TRP A 219 20.61 2.07 19.92
C TRP A 219 19.34 2.90 19.84
N ILE A 220 18.25 2.24 19.48
CA ILE A 220 16.96 2.91 19.46
C ILE A 220 16.15 2.34 20.60
N SER A 221 15.77 3.18 21.56
CA SER A 221 14.99 2.69 22.68
C SER A 221 13.68 3.45 22.77
N TYR A 222 12.61 2.73 23.06
CA TYR A 222 11.32 3.34 23.25
C TYR A 222 10.79 2.80 24.57
N ASP A 223 10.20 3.69 25.36
CA ASP A 223 9.73 3.35 26.68
C ASP A 223 8.83 4.46 27.19
N PRO A 224 8.04 4.14 28.22
CA PRO A 224 7.35 5.18 28.98
C PRO A 224 8.31 5.85 29.92
N ILE A 225 7.97 7.07 30.32
CA ILE A 225 8.60 7.79 31.42
C ILE A 225 7.51 8.20 32.43
N GLY A 226 7.90 8.21 33.71
CA GLY A 226 6.96 8.54 34.78
C GLY A 226 6.38 9.93 34.69
N GLY A 227 7.15 10.87 34.15
CA GLY A 227 6.74 12.29 34.03
C GLY A 227 7.50 13.13 35.06
N SER A 228 7.96 14.30 34.66
CA SER A 228 8.87 15.10 35.47
C SER A 228 8.18 16.29 36.14
N GLN A 229 7.04 16.72 35.58
CA GLN A 229 6.29 17.85 36.15
C GLN A 229 5.68 17.49 37.52
N PRO A 230 5.60 18.48 38.43
CA PRO A 230 5.06 18.17 39.76
C PRO A 230 3.64 17.64 39.66
N ASN A 231 3.32 16.63 40.47
CA ASN A 231 1.95 16.10 40.59
C ASN A 231 1.47 15.46 39.33
N ASP A 232 2.42 14.87 38.64
CA ASP A 232 2.10 14.09 37.50
C ASP A 232 1.94 12.66 38.02
N ARG A 233 0.71 12.18 37.99
CA ARG A 233 0.34 10.86 38.45
C ARG A 233 0.49 9.75 37.40
N PHE A 234 0.94 10.08 36.19
CA PHE A 234 1.12 9.07 35.13
C PHE A 234 1.85 7.79 35.61
N GLY A 235 3.03 7.97 36.20
CA GLY A 235 3.84 6.82 36.62
C GLY A 235 3.13 5.97 37.67
N ALA A 236 2.52 6.65 38.63
CA ALA A 236 1.81 5.99 39.74
C ALA A 236 0.65 5.17 39.21
N ILE A 237 -0.15 5.78 38.33
CA ILE A 237 -1.29 5.11 37.68
C ILE A 237 -0.82 3.91 36.84
N MET A 238 0.27 4.08 36.10
CA MET A 238 0.80 3.00 35.28
C MET A 238 1.35 1.88 36.16
N GLN A 239 2.13 2.24 37.17
CA GLN A 239 2.73 1.27 38.09
C GLN A 239 1.63 0.53 38.84
N SER A 240 0.65 1.27 39.36
CA SER A 240 -0.55 0.66 39.96
C SER A 240 -1.25 -0.32 38.99
N ASN A 241 -1.61 0.16 37.81
CA ASN A 241 -2.35 -0.63 36.84
C ASN A 241 -1.62 -1.90 36.38
N LEU A 242 -0.32 -1.78 36.12
CA LEU A 242 0.54 -2.94 35.81
C LEU A 242 0.49 -4.01 36.87
N LYS A 243 0.55 -3.57 38.12
CA LYS A 243 0.64 -4.45 39.29
C LYS A 243 -0.58 -5.38 39.45
N GLU A 244 -1.77 -4.88 39.09
CA GLU A 244 -3.01 -5.67 39.20
C GLU A 244 -3.30 -6.47 37.94
N SER A 245 -3.24 -5.80 36.79
CA SER A 245 -3.56 -6.39 35.49
C SER A 245 -2.53 -7.42 35.01
N ARG A 246 -1.25 -7.09 35.13
CA ARG A 246 -0.18 -7.94 34.58
C ARG A 246 0.73 -8.52 35.65
N ASN A 247 0.58 -8.04 36.89
CA ASN A 247 1.48 -8.41 38.00
C ASN A 247 2.91 -7.91 37.78
N LEU A 248 3.09 -7.11 36.73
CA LEU A 248 4.39 -6.64 36.30
C LEU A 248 4.79 -5.33 36.97
N GLU A 249 6.07 -5.03 36.88
CA GLU A 249 6.62 -3.84 37.48
C GLU A 249 7.44 -3.11 36.44
N MET A 250 7.49 -1.81 36.61
CA MET A 250 8.39 -0.96 35.87
C MET A 250 9.26 -0.28 36.91
N PRO A 251 10.38 -0.95 37.29
CA PRO A 251 11.16 -0.54 38.45
C PRO A 251 11.76 0.85 38.31
N THR A 252 12.04 1.28 37.07
CA THR A 252 12.78 2.54 36.86
C THR A 252 11.96 3.67 36.23
N LEU A 253 10.66 3.46 36.14
CA LEU A 253 9.74 4.42 35.56
C LEU A 253 9.81 5.81 36.20
N MET A 254 9.90 5.86 37.53
CA MET A 254 10.07 7.12 38.23
C MET A 254 11.50 7.59 38.32
N THR A 255 12.46 6.67 38.23
CA THR A 255 13.86 7.06 38.16
C THR A 255 14.13 7.84 36.90
N TYR A 256 13.68 7.31 35.76
CA TYR A 256 13.90 7.94 34.48
C TYR A 256 12.55 8.56 34.06
N ASN A 257 12.19 9.62 34.75
CA ASN A 257 10.85 10.21 34.61
C ASN A 257 10.83 11.38 33.64
N SER A 258 11.98 11.74 33.09
CA SER A 258 12.09 12.75 32.05
C SER A 258 12.90 12.18 30.89
N LYS A 259 12.73 12.76 29.69
CA LYS A 259 13.49 12.25 28.54
C LYS A 259 14.99 12.45 28.75
N GLU A 260 15.37 13.53 29.42
CA GLU A 260 16.78 13.77 29.70
C GLU A 260 17.38 12.72 30.63
N LYS A 261 16.67 12.35 31.69
CA LYS A 261 17.19 11.35 32.63
C LYS A 261 17.27 9.98 31.96
N TYR A 262 16.26 9.68 31.15
CA TYR A 262 16.26 8.45 30.38
C TYR A 262 17.48 8.36 29.43
N ALA A 263 17.67 9.39 28.60
CA ALA A 263 18.79 9.41 27.65
C ALA A 263 20.15 9.29 28.32
N SER A 264 20.25 9.73 29.57
CA SER A 264 21.56 9.75 30.25
C SER A 264 22.15 8.33 30.44
N ARG A 265 21.28 7.31 30.37
CA ARG A 265 21.74 5.93 30.52
C ARG A 265 22.68 5.56 29.39
N TRP A 266 22.57 6.27 28.25
CA TRP A 266 23.42 6.03 27.11
C TRP A 266 24.54 7.06 26.99
N SER A 267 24.91 7.68 28.12
CA SER A 267 25.91 8.77 28.05
C SER A 267 27.32 8.37 27.58
N ALA A 268 27.64 7.08 27.61
CA ALA A 268 28.86 6.55 27.01
C ALA A 268 28.89 6.74 25.49
N ALA A 269 27.70 6.91 24.88
CA ALA A 269 27.58 7.15 23.45
C ALA A 269 27.85 8.64 23.19
N PRO A 270 28.65 8.95 22.16
CA PRO A 270 28.90 10.36 21.85
C PRO A 270 27.71 11.12 21.31
N ASN A 271 26.75 10.44 20.65
CA ASN A 271 25.65 11.11 19.99
C ASN A 271 24.33 10.52 20.52
N VAL A 272 23.67 11.26 21.40
CA VAL A 272 22.39 10.82 21.97
C VAL A 272 21.31 11.87 21.72
N ILE A 273 20.21 11.41 21.14
CA ILE A 273 19.06 12.26 20.79
C ILE A 273 17.88 11.61 21.49
N VAL A 274 17.04 12.40 22.14
CA VAL A 274 15.84 11.88 22.74
C VAL A 274 14.69 12.87 22.50
N ASN A 275 13.53 12.32 22.16
CA ASN A 275 12.32 13.12 21.99
C ASN A 275 11.19 12.39 22.64
N ASP A 276 10.23 13.11 23.17
CA ASP A 276 8.96 12.44 23.53
C ASP A 276 8.11 12.29 22.26
N MET A 277 7.10 11.43 22.32
CA MET A 277 6.40 11.09 21.10
C MET A 277 5.51 12.23 20.63
N TRP A 278 5.10 13.12 21.55
CA TRP A 278 4.36 14.33 21.15
C TRP A 278 5.23 15.23 20.27
N GLU A 279 6.49 15.41 20.65
CA GLU A 279 7.43 16.13 19.81
C GLU A 279 7.55 15.49 18.43
N ILE A 280 7.60 14.16 18.40
CA ILE A 280 7.78 13.46 17.14
C ILE A 280 6.54 13.72 16.27
N PHE A 281 5.36 13.61 16.88
CA PHE A 281 4.10 13.85 16.16
C PHE A 281 4.07 15.23 15.47
N ASN A 282 4.61 16.24 16.16
CA ASN A 282 4.56 17.61 15.67
C ASN A 282 5.71 17.98 14.76
N ALA A 283 6.85 17.30 14.91
CA ALA A 283 8.06 17.66 14.16
C ALA A 283 8.40 16.66 13.05
N GLN A 284 8.04 15.41 13.26
CA GLN A 284 8.47 14.37 12.30
C GLN A 284 7.36 13.88 11.41
N ILE A 285 6.12 14.17 11.73
CA ILE A 285 5.05 13.56 10.97
C ILE A 285 4.58 14.66 9.99
N PRO A 286 4.72 14.40 8.69
CA PRO A 286 4.38 15.38 7.65
C PRO A 286 2.92 15.73 7.75
N GLU A 287 2.59 16.96 7.36
CA GLU A 287 1.19 17.34 7.28
C GLU A 287 0.32 16.35 6.51
N SER A 288 0.82 15.81 5.41
CA SER A 288 0.07 14.85 4.62
C SER A 288 -0.38 13.67 5.49
N GLU A 289 0.49 13.22 6.41
CA GLU A 289 0.17 12.10 7.32
C GLU A 289 -0.82 12.48 8.38
N ARG A 290 -0.61 13.64 8.98
CA ARG A 290 -1.55 14.15 9.96
C ARG A 290 -2.94 14.24 9.35
N LYS A 291 -3.03 14.74 8.12
CA LYS A 291 -4.29 14.81 7.38
C LYS A 291 -4.86 13.41 7.13
N ARG A 292 -3.98 12.51 6.70
CA ARG A 292 -4.41 11.14 6.43
C ARG A 292 -4.97 10.49 7.70
N LEU A 293 -4.30 10.67 8.83
CA LEU A 293 -4.79 10.08 10.03
C LEU A 293 -6.12 10.71 10.47
N ARG A 294 -6.30 12.01 10.25
CA ARG A 294 -7.57 12.62 10.57
C ARG A 294 -8.70 12.04 9.74
N SER A 295 -8.37 11.48 8.59
CA SER A 295 -9.41 10.87 7.71
C SER A 295 -9.97 9.56 8.30
N LEU A 296 -9.23 8.98 9.25
CA LEU A 296 -9.51 7.63 9.70
C LEU A 296 -10.46 7.52 10.84
N GLN A 297 -10.22 8.32 11.87
CA GLN A 297 -11.06 8.31 13.07
C GLN A 297 -11.11 9.75 13.60
N PHE A 298 -12.02 9.98 14.54
CA PHE A 298 -12.15 11.26 15.19
C PHE A 298 -11.30 11.23 16.44
N LEU A 299 -10.25 12.04 16.44
CA LEU A 299 -9.47 12.27 17.64
C LEU A 299 -10.08 13.53 18.24
N ASP A 300 -11.09 13.33 19.04
CA ASP A 300 -11.80 14.44 19.68
C ASP A 300 -10.98 15.11 20.79
N GLU A 301 -10.03 14.39 21.35
CA GLU A 301 -9.38 14.88 22.55
C GLU A 301 -7.89 14.93 22.38
N LEU A 302 -7.44 15.93 21.64
CA LEU A 302 -6.03 16.03 21.28
C LEU A 302 -5.17 16.22 22.53
N GLU A 303 -5.68 16.97 23.50
CA GLU A 303 -4.93 17.09 24.75
C GLU A 303 -4.63 15.77 25.43
N GLU A 304 -5.59 14.85 25.43
CA GLU A 304 -5.37 13.51 25.97
C GLU A 304 -4.24 12.79 25.25
N LEU A 305 -4.18 12.91 23.91
CA LEU A 305 -3.07 12.32 23.16
C LEU A 305 -1.77 12.98 23.58
N LYS A 306 -1.77 14.30 23.70
CA LYS A 306 -0.57 14.98 24.16
C LYS A 306 -0.10 14.48 25.53
N VAL A 307 -1.01 14.42 26.48
CA VAL A 307 -0.66 13.94 27.82
C VAL A 307 0.00 12.53 27.75
N MET A 308 -0.63 11.60 27.04
CA MET A 308 -0.08 10.25 26.88
CA MET A 308 -0.08 10.25 26.89
C MET A 308 1.28 10.28 26.22
N GLN A 309 1.37 11.00 25.10
CA GLN A 309 2.56 10.92 24.26
C GLN A 309 3.76 11.67 24.77
N THR A 310 3.54 12.62 25.66
CA THR A 310 4.65 13.22 26.37
C THR A 310 5.20 12.28 27.46
N HIS A 311 4.58 11.13 27.70
CA HIS A 311 5.17 10.15 28.60
C HIS A 311 5.79 8.94 27.91
N TYR A 312 5.99 9.06 26.61
CA TYR A 312 6.72 8.05 25.85
C TYR A 312 7.83 8.70 25.10
N ILE A 313 8.99 8.05 25.06
CA ILE A 313 10.15 8.67 24.47
C ILE A 313 10.76 7.71 23.48
N LEU A 314 11.44 8.30 22.50
CA LEU A 314 12.25 7.57 21.57
C LEU A 314 13.64 8.15 21.73
N MET A 315 14.57 7.29 22.12
CA MET A 315 15.94 7.66 22.45
C MET A 315 16.77 7.03 21.33
N LYS A 316 17.64 7.82 20.68
CA LYS A 316 18.54 7.27 19.67
C LYS A 316 19.98 7.55 20.10
N ALA A 317 20.75 6.50 20.36
CA ALA A 317 22.12 6.70 20.78
C ALA A 317 23.05 6.09 19.75
N GLN A 318 23.96 6.92 19.24
CA GLN A 318 24.87 6.47 18.22
C GLN A 318 26.30 6.60 18.64
N TRP A 319 27.09 5.61 18.19
CA TRP A 319 28.50 5.51 18.47
C TRP A 319 29.25 4.93 17.25
N TYR B 1 19.99 2.37 -28.63
CA TYR B 1 21.05 3.39 -28.90
C TYR B 1 22.18 3.27 -27.90
N ASP B 2 22.96 4.36 -27.83
CA ASP B 2 24.12 4.47 -26.97
C ASP B 2 23.74 4.33 -25.51
N ALA B 3 22.80 5.13 -24.99
CA ALA B 3 22.45 4.98 -23.55
C ALA B 3 22.04 3.57 -23.14
N LEU B 4 21.17 2.94 -23.92
CA LEU B 4 20.73 1.56 -23.62
C LEU B 4 21.89 0.58 -23.63
N SER B 5 22.77 0.67 -24.62
CA SER B 5 23.93 -0.20 -24.70
CA SER B 5 23.90 -0.25 -24.68
C SER B 5 24.84 -0.05 -23.48
N CYS B 6 25.07 1.21 -23.08
CA CYS B 6 25.93 1.47 -21.91
C CYS B 6 25.28 0.88 -20.67
N LYS B 7 23.98 1.10 -20.58
CA LYS B 7 23.22 0.59 -19.44
C LYS B 7 23.31 -0.92 -19.37
N LEU B 8 23.05 -1.59 -20.49
CA LEU B 8 23.09 -3.05 -20.50
C LEU B 8 24.49 -3.60 -20.26
N ALA B 9 25.50 -2.92 -20.80
CA ALA B 9 26.89 -3.30 -20.48
C ALA B 9 27.23 -3.24 -18.97
N ALA B 10 26.80 -2.18 -18.31
CA ALA B 10 27.09 -1.99 -16.90
C ALA B 10 26.32 -3.02 -16.08
N ILE B 11 25.13 -3.39 -16.53
CA ILE B 11 24.38 -4.46 -15.85
C ILE B 11 25.05 -5.85 -16.07
N SER B 12 25.46 -6.13 -17.30
CA SER B 12 26.11 -7.40 -17.63
CA SER B 12 26.09 -7.41 -17.61
C SER B 12 27.34 -7.63 -16.76
N VAL B 13 28.10 -6.58 -16.52
CA VAL B 13 29.34 -6.74 -15.76
CA VAL B 13 29.36 -6.70 -15.78
C VAL B 13 29.07 -6.71 -14.27
N GLY B 14 27.82 -6.38 -13.91
CA GLY B 14 27.38 -6.38 -12.51
C GLY B 14 27.48 -5.09 -11.76
N TYR B 15 27.98 -4.02 -12.41
CA TYR B 15 28.10 -2.72 -11.72
C TYR B 15 26.72 -2.22 -11.24
N LEU B 16 25.71 -2.44 -12.09
CA LEU B 16 24.35 -2.20 -11.72
C LEU B 16 23.63 -3.54 -11.74
N PRO B 17 22.56 -3.66 -10.93
CA PRO B 17 22.13 -2.63 -10.01
C PRO B 17 23.08 -2.47 -8.81
N SER B 18 23.00 -1.33 -8.16
CA SER B 18 23.71 -1.13 -6.91
C SER B 18 22.59 -1.06 -5.86
N SER B 19 22.36 -2.13 -5.10
CA SER B 19 21.18 -2.16 -4.22
CA SER B 19 21.18 -2.17 -4.23
C SER B 19 21.26 -1.08 -3.18
N GLY B 20 22.49 -0.79 -2.74
CA GLY B 20 22.75 0.24 -1.79
C GLY B 20 22.39 1.61 -2.32
N LEU B 21 23.00 2.00 -3.43
CA LEU B 21 22.80 3.38 -3.86
C LEU B 21 21.49 3.64 -4.59
N GLN B 22 21.03 2.60 -5.28
CA GLN B 22 19.71 2.65 -5.93
C GLN B 22 18.58 2.26 -4.97
N ARG B 23 18.92 1.92 -3.74
CA ARG B 23 17.95 1.59 -2.69
C ARG B 23 16.96 0.50 -3.10
N LEU B 24 17.47 -0.54 -3.74
CA LEU B 24 16.68 -1.63 -4.28
C LEU B 24 16.63 -2.75 -3.24
N SER B 25 15.46 -3.35 -3.11
CA SER B 25 15.24 -4.53 -2.31
C SER B 25 15.88 -5.76 -2.97
N VAL B 26 15.89 -6.90 -2.25
CA VAL B 26 16.28 -8.16 -2.85
C VAL B 26 15.54 -8.37 -4.16
N ASP B 27 14.22 -8.29 -4.10
CA ASP B 27 13.38 -8.58 -5.27
C ASP B 27 13.55 -7.54 -6.37
N LEU B 28 13.59 -6.26 -6.01
CA LEU B 28 13.78 -5.23 -7.06
C LEU B 28 15.15 -5.22 -7.71
N SER B 29 16.19 -5.68 -7.00
CA SER B 29 17.56 -5.79 -7.53
C SER B 29 17.58 -6.84 -8.63
N LYS B 30 16.89 -7.95 -8.35
CA LYS B 30 16.68 -9.01 -9.31
C LYS B 30 15.86 -8.50 -10.49
N LYS B 31 14.72 -7.84 -10.20
CA LYS B 31 13.84 -7.35 -11.28
C LYS B 31 14.52 -6.30 -12.14
N TYR B 32 15.38 -5.50 -11.53
CA TYR B 32 16.11 -4.51 -12.30
C TYR B 32 16.86 -5.19 -13.44
N THR B 33 17.60 -6.26 -13.13
CA THR B 33 18.34 -7.02 -14.16
C THR B 33 17.42 -7.70 -15.17
N GLU B 34 16.38 -8.31 -14.65
CA GLU B 34 15.40 -8.99 -15.48
C GLU B 34 14.69 -8.03 -16.43
N TRP B 35 14.25 -6.86 -15.93
CA TRP B 35 13.50 -5.92 -16.77
C TRP B 35 14.35 -5.45 -17.93
N HIS B 36 15.60 -5.10 -17.61
CA HIS B 36 16.54 -4.66 -18.62
C HIS B 36 16.87 -5.75 -19.64
N ARG B 37 17.10 -6.98 -19.17
CA ARG B 37 17.31 -8.15 -20.05
C ARG B 37 16.13 -8.34 -21.00
N SER B 38 14.91 -8.33 -20.45
CA SER B 38 13.69 -8.40 -21.26
C SER B 38 13.57 -7.24 -22.23
N TYR B 39 13.94 -6.02 -21.81
CA TYR B 39 13.87 -4.90 -22.72
C TYR B 39 14.73 -5.16 -23.99
N LEU B 40 15.98 -5.61 -23.78
CA LEU B 40 16.88 -5.94 -24.88
C LEU B 40 16.35 -7.05 -25.79
N ILE B 41 15.88 -8.13 -25.19
CA ILE B 41 15.31 -9.26 -25.93
C ILE B 41 14.12 -8.80 -26.74
N THR B 42 13.30 -7.95 -26.14
CA THR B 42 12.11 -7.47 -26.84
C THR B 42 12.45 -6.48 -27.91
N LEU B 43 13.46 -5.66 -27.64
CA LEU B 43 14.02 -4.76 -28.64
C LEU B 43 14.36 -5.55 -29.91
N LYS B 44 15.04 -6.66 -29.75
CA LYS B 44 15.40 -7.50 -30.88
C LYS B 44 14.15 -7.95 -31.68
N LYS B 45 13.06 -8.24 -31.00
CA LYS B 45 11.80 -8.53 -31.68
C LYS B 45 11.36 -7.36 -32.58
N PHE B 46 11.51 -6.13 -32.09
CA PHE B 46 11.01 -4.96 -32.83
C PHE B 46 11.96 -4.34 -33.81
N SER B 47 13.26 -4.52 -33.60
CA SER B 47 14.22 -3.97 -34.54
C SER B 47 15.50 -4.77 -34.52
N ARG B 48 15.69 -5.59 -35.54
CA ARG B 48 16.97 -6.27 -35.74
C ARG B 48 18.10 -5.24 -35.84
N ARG B 49 17.87 -4.16 -36.59
CA ARG B 49 18.84 -3.07 -36.75
C ARG B 49 19.26 -2.50 -35.40
N ALA B 50 18.29 -2.01 -34.63
CA ALA B 50 18.58 -1.44 -33.32
C ALA B 50 19.19 -2.44 -32.35
N PHE B 51 18.70 -3.69 -32.33
CA PHE B 51 19.30 -4.68 -31.47
C PHE B 51 20.79 -4.90 -31.84
N GLY B 52 21.06 -5.00 -33.14
CA GLY B 52 22.42 -5.12 -33.64
C GLY B 52 23.32 -4.00 -33.19
N LYS B 53 22.86 -2.75 -33.24
CA LYS B 53 23.67 -1.62 -32.80
C LYS B 53 23.90 -1.74 -31.29
N VAL B 54 22.85 -2.11 -30.56
CA VAL B 54 22.93 -2.20 -29.11
C VAL B 54 23.83 -3.37 -28.69
N ASP B 55 23.59 -4.55 -29.28
CA ASP B 55 24.36 -5.74 -28.95
C ASP B 55 25.85 -5.52 -29.21
N LYS B 56 26.16 -4.87 -30.33
CA LYS B 56 27.56 -4.65 -30.69
C LYS B 56 28.20 -3.75 -29.67
N ALA B 57 27.60 -2.56 -29.49
CA ALA B 57 28.09 -1.58 -28.55
C ALA B 57 28.25 -2.18 -27.15
N MET B 58 27.29 -3.03 -26.76
CA MET B 58 27.23 -3.60 -25.41
C MET B 58 28.39 -4.54 -25.17
N ARG B 59 28.80 -5.24 -26.23
CA ARG B 59 29.85 -6.25 -26.09
C ARG B 59 31.24 -5.70 -26.33
N SER B 60 31.32 -4.50 -26.88
CA SER B 60 32.59 -3.79 -27.01
C SER B 60 32.78 -2.75 -25.87
N SER B 61 32.23 -3.06 -24.69
CA SER B 61 32.34 -2.22 -23.49
CA SER B 61 32.38 -2.18 -23.55
C SER B 61 33.64 -2.46 -22.74
N PHE B 62 34.01 -1.49 -21.92
CA PHE B 62 35.25 -1.55 -21.17
C PHE B 62 35.05 -0.83 -19.83
N PRO B 63 35.93 -1.13 -18.86
CA PRO B 63 35.80 -0.64 -17.50
C PRO B 63 35.56 0.88 -17.37
N VAL B 64 36.27 1.72 -18.14
CA VAL B 64 36.11 3.17 -17.97
C VAL B 64 34.69 3.56 -18.32
N MET B 65 34.18 2.98 -19.40
CA MET B 65 32.81 3.25 -19.88
C MET B 65 31.78 2.73 -18.88
N ASN B 66 31.96 1.50 -18.43
CA ASN B 66 31.06 0.93 -17.43
C ASN B 66 31.02 1.70 -16.12
N TYR B 67 32.18 2.15 -15.66
CA TYR B 67 32.19 2.99 -14.48
C TYR B 67 31.44 4.24 -14.74
N GLY B 68 31.62 4.86 -15.91
CA GLY B 68 30.87 6.12 -16.19
C GLY B 68 29.35 5.96 -16.15
N THR B 69 28.89 4.83 -16.68
CA THR B 69 27.47 4.50 -16.73
C THR B 69 26.99 4.29 -15.31
N TYR B 70 27.78 3.55 -14.53
CA TYR B 70 27.48 3.35 -13.13
C TYR B 70 27.35 4.67 -12.39
N LEU B 71 28.32 5.56 -12.55
CA LEU B 71 28.26 6.88 -11.87
C LEU B 71 27.04 7.70 -12.26
N ARG B 72 26.81 7.76 -13.55
CA ARG B 72 25.66 8.46 -14.14
C ARG B 72 24.37 7.95 -13.51
N THR B 73 24.24 6.63 -13.47
N THR B 73 24.21 6.64 -13.49
CA THR B 73 23.00 6.00 -13.01
CA THR B 73 22.93 6.08 -13.05
C THR B 73 22.79 6.25 -11.52
C THR B 73 22.75 6.21 -11.52
N VAL B 74 23.80 5.95 -10.72
CA VAL B 74 23.66 6.04 -9.29
C VAL B 74 23.64 7.49 -8.80
N GLY B 75 24.33 8.39 -9.51
CA GLY B 75 24.29 9.82 -9.17
C GLY B 75 22.87 10.36 -9.34
N ILE B 76 22.27 10.05 -10.49
CA ILE B 76 20.90 10.51 -10.77
C ILE B 76 19.91 9.87 -9.77
N ASP B 77 20.04 8.56 -9.59
CA ASP B 77 19.15 7.81 -8.71
C ASP B 77 19.21 8.26 -7.26
N ALA B 78 20.41 8.50 -6.74
CA ALA B 78 20.54 9.06 -5.37
C ALA B 78 19.86 10.42 -5.23
N ALA B 79 19.99 11.27 -6.24
CA ALA B 79 19.32 12.56 -6.21
C ALA B 79 17.79 12.39 -6.22
N ILE B 80 17.30 11.55 -7.10
CA ILE B 80 15.85 11.21 -7.12
C ILE B 80 15.42 10.68 -5.76
N LEU B 81 16.12 9.67 -5.25
CA LEU B 81 15.65 8.96 -4.08
C LEU B 81 15.58 9.87 -2.88
N GLU B 82 16.55 10.78 -2.73
CA GLU B 82 16.53 11.70 -1.61
C GLU B 82 15.26 12.56 -1.61
N PHE B 83 14.90 13.07 -2.77
CA PHE B 83 13.68 13.88 -2.91
C PHE B 83 12.41 13.06 -2.72
N LEU B 84 12.38 11.85 -3.28
CA LEU B 84 11.20 11.01 -3.21
C LEU B 84 10.95 10.59 -1.78
N VAL B 85 12.02 10.31 -1.04
CA VAL B 85 11.87 10.03 0.42
C VAL B 85 11.34 11.22 1.20
N ALA B 86 11.78 12.43 0.85
CA ALA B 86 11.30 13.63 1.52
C ALA B 86 9.89 14.09 1.09
N ASN B 87 9.41 13.62 -0.05
CA ASN B 87 8.19 14.15 -0.65
C ASN B 87 7.40 12.97 -1.13
N GLU B 88 6.46 12.53 -0.33
CA GLU B 88 5.72 11.32 -0.64
C GLU B 88 4.86 11.44 -1.90
N LYS B 89 4.11 12.53 -2.05
CA LYS B 89 3.32 12.73 -3.28
C LYS B 89 4.16 13.58 -4.19
N VAL B 90 4.56 12.99 -5.31
CA VAL B 90 5.53 13.60 -6.20
CA VAL B 90 5.56 13.57 -6.21
C VAL B 90 5.21 13.22 -7.65
N GLN B 91 5.64 14.05 -8.58
CA GLN B 91 5.50 13.70 -9.97
C GLN B 91 6.89 13.80 -10.60
N VAL B 92 7.25 12.79 -11.39
CA VAL B 92 8.54 12.79 -12.09
C VAL B 92 8.24 13.02 -13.55
N VAL B 93 8.94 13.96 -14.15
CA VAL B 93 8.85 14.26 -15.59
C VAL B 93 10.23 13.97 -16.15
N ASN B 94 10.32 12.91 -16.94
CA ASN B 94 11.57 12.45 -17.51
C ASN B 94 11.59 12.93 -18.97
N LEU B 95 12.33 14.00 -19.22
CA LEU B 95 12.43 14.62 -20.53
C LEU B 95 13.49 13.96 -21.37
N GLY B 96 13.12 13.49 -22.58
CA GLY B 96 14.02 12.69 -23.47
C GLY B 96 14.26 11.33 -22.83
N CYS B 97 13.16 10.66 -22.49
CA CYS B 97 13.29 9.49 -21.62
C CYS B 97 14.03 8.34 -22.27
N GLY B 98 13.95 8.22 -23.60
CA GLY B 98 14.60 7.13 -24.32
C GLY B 98 14.15 5.79 -23.72
N SER B 99 15.11 4.92 -23.45
CA SER B 99 14.76 3.59 -22.93
CA SER B 99 14.86 3.59 -22.93
C SER B 99 14.91 3.47 -21.42
N ASP B 100 14.90 4.61 -20.73
CA ASP B 100 15.04 4.61 -19.27
C ASP B 100 13.94 3.75 -18.60
N LEU B 101 14.35 2.77 -17.78
CA LEU B 101 13.37 1.95 -17.03
C LEU B 101 13.32 2.33 -15.53
N ARG B 102 13.82 3.50 -15.14
CA ARG B 102 13.84 3.75 -13.69
C ARG B 102 12.44 3.94 -13.13
N MET B 103 11.43 4.23 -13.95
CA MET B 103 10.03 4.23 -13.48
C MET B 103 9.58 2.90 -12.89
N LEU B 104 10.17 1.80 -13.37
CA LEU B 104 9.69 0.49 -12.96
C LEU B 104 9.92 0.24 -11.47
N PRO B 105 11.18 0.38 -10.97
CA PRO B 105 11.33 0.25 -9.53
C PRO B 105 10.73 1.42 -8.79
N LEU B 106 10.82 2.64 -9.34
CA LEU B 106 10.32 3.81 -8.60
C LEU B 106 8.82 3.80 -8.36
N LEU B 107 8.04 3.38 -9.34
CA LEU B 107 6.59 3.34 -9.17
C LEU B 107 6.21 2.31 -8.12
N GLN B 108 6.97 1.22 -8.07
CA GLN B 108 6.80 0.21 -7.05
C GLN B 108 7.18 0.76 -5.66
N MET B 109 8.31 1.44 -5.60
CA MET B 109 8.89 1.82 -4.36
C MET B 109 8.13 2.96 -3.71
N PHE B 110 7.49 3.76 -4.56
CA PHE B 110 6.84 5.01 -4.11
C PHE B 110 5.39 5.02 -4.56
N PRO B 111 4.49 4.53 -3.69
CA PRO B 111 3.08 4.39 -4.05
C PRO B 111 2.36 5.67 -4.46
N HIS B 112 2.86 6.84 -4.08
CA HIS B 112 2.23 8.09 -4.48
C HIS B 112 2.99 8.88 -5.53
N LEU B 113 3.98 8.25 -6.14
CA LEU B 113 4.69 8.86 -7.24
C LEU B 113 3.88 8.72 -8.54
N ALA B 114 3.78 9.80 -9.30
CA ALA B 114 3.27 9.77 -10.68
C ALA B 114 4.45 10.06 -11.58
N TYR B 115 4.53 9.36 -12.70
CA TYR B 115 5.72 9.45 -13.51
C TYR B 115 5.30 9.64 -14.98
N VAL B 116 5.96 10.57 -15.65
CA VAL B 116 5.65 10.88 -17.05
C VAL B 116 6.94 10.83 -17.83
N ASP B 117 6.93 9.96 -18.83
CA ASP B 117 8.04 9.74 -19.74
C ASP B 117 7.65 10.53 -21.00
N ILE B 118 8.59 11.36 -21.44
CA ILE B 118 8.34 12.20 -22.62
C ILE B 118 9.49 12.04 -23.56
N ASP B 119 9.22 11.75 -24.84
CA ASP B 119 10.30 11.76 -25.82
C ASP B 119 9.69 11.97 -27.19
N TYR B 120 10.53 12.08 -28.21
CA TYR B 120 10.00 12.25 -29.56
C TYR B 120 9.21 11.02 -29.97
N ASN B 121 8.36 11.20 -30.96
CA ASN B 121 7.37 10.23 -31.35
C ASN B 121 7.98 8.85 -31.57
N GLU B 122 9.06 8.79 -32.36
CA GLU B 122 9.66 7.52 -32.75
C GLU B 122 10.21 6.75 -31.56
N SER B 123 10.82 7.49 -30.63
CA SER B 123 11.35 6.89 -29.42
C SER B 123 10.23 6.30 -28.52
N VAL B 124 9.23 7.13 -28.21
CA VAL B 124 8.17 6.63 -27.37
C VAL B 124 7.36 5.51 -28.03
N GLU B 125 7.21 5.54 -29.36
CA GLU B 125 6.49 4.46 -30.02
C GLU B 125 7.21 3.15 -29.80
N LEU B 126 8.53 3.17 -29.90
CA LEU B 126 9.30 1.94 -29.74
C LEU B 126 9.25 1.46 -28.30
N LYS B 127 9.44 2.39 -27.38
CA LYS B 127 9.35 2.04 -25.96
C LYS B 127 7.98 1.46 -25.62
N ASN B 128 6.92 2.11 -26.09
CA ASN B 128 5.56 1.63 -25.88
C ASN B 128 5.44 0.17 -26.39
N SER B 129 5.91 -0.08 -27.60
CA SER B 129 5.85 -1.43 -28.20
C SER B 129 6.56 -2.43 -27.30
N ILE B 130 7.75 -2.06 -26.84
CA ILE B 130 8.53 -2.99 -26.03
C ILE B 130 7.86 -3.24 -24.67
N LEU B 131 7.47 -2.16 -24.00
CA LEU B 131 6.79 -2.29 -22.69
C LEU B 131 5.55 -3.18 -22.75
N ARG B 132 4.79 -3.07 -23.83
CA ARG B 132 3.54 -3.80 -23.99
C ARG B 132 3.77 -5.22 -24.47
N GLU B 133 4.85 -5.43 -25.22
CA GLU B 133 5.12 -6.77 -25.75
C GLU B 133 5.74 -7.69 -24.72
N SER B 134 6.58 -7.13 -23.86
CA SER B 134 7.22 -7.94 -22.84
C SER B 134 6.25 -8.22 -21.72
N GLU B 135 6.08 -9.50 -21.40
CA GLU B 135 5.21 -9.83 -20.29
C GLU B 135 5.65 -9.25 -18.95
N ILE B 136 6.92 -9.45 -18.60
N ILE B 136 6.91 -9.43 -18.58
CA ILE B 136 7.47 -8.97 -17.34
CA ILE B 136 7.36 -8.95 -17.28
C ILE B 136 7.33 -7.45 -17.25
C ILE B 136 7.36 -7.42 -17.21
N LEU B 137 7.59 -6.76 -18.36
CA LEU B 137 7.44 -5.29 -18.40
C LEU B 137 5.95 -4.85 -18.32
N ARG B 138 5.07 -5.47 -19.09
CA ARG B 138 3.62 -5.23 -18.91
C ARG B 138 3.18 -5.38 -17.47
N ILE B 139 3.56 -6.50 -16.85
CA ILE B 139 3.20 -6.79 -15.47
C ILE B 139 3.64 -5.69 -14.54
N SER B 140 4.91 -5.27 -14.69
N SER B 140 4.90 -5.29 -14.63
CA SER B 140 5.55 -4.21 -13.90
CA SER B 140 5.37 -4.29 -13.73
C SER B 140 4.92 -2.83 -14.04
C SER B 140 4.51 -3.03 -13.84
N LEU B 141 4.07 -2.69 -15.05
CA LEU B 141 3.31 -1.45 -15.23
C LEU B 141 1.80 -1.60 -15.14
N GLY B 142 1.34 -2.83 -14.91
CA GLY B 142 -0.10 -3.14 -14.85
C GLY B 142 -0.77 -2.92 -16.19
N LEU B 143 -0.03 -3.17 -17.26
CA LEU B 143 -0.47 -2.91 -18.62
C LEU B 143 -1.16 -4.08 -19.32
N SER B 144 -1.91 -3.74 -20.35
CA SER B 144 -2.42 -4.66 -21.40
C SER B 144 -1.51 -4.61 -22.62
N LYS B 145 -1.40 -5.73 -23.33
CA LYS B 145 -0.57 -5.82 -24.54
C LYS B 145 -1.12 -4.93 -25.68
N GLU B 146 -2.43 -4.68 -25.66
CA GLU B 146 -3.12 -3.93 -26.71
C GLU B 146 -3.16 -2.42 -26.41
N ASP B 147 -2.40 -1.66 -27.21
CA ASP B 147 -2.32 -0.21 -27.15
C ASP B 147 -3.72 0.35 -26.87
N THR B 148 -3.96 0.77 -25.63
CA THR B 148 -5.33 1.10 -25.16
C THR B 148 -5.55 2.59 -24.76
N ALA B 149 -4.45 3.34 -24.67
CA ALA B 149 -4.50 4.76 -24.32
C ALA B 149 -5.00 5.62 -25.50
N LYS B 150 -5.25 6.90 -25.24
CA LYS B 150 -5.57 7.79 -26.35
C LYS B 150 -4.66 9.00 -26.36
N SER B 151 -4.46 9.57 -27.55
CA SER B 151 -3.61 10.75 -27.74
C SER B 151 -3.97 11.78 -26.66
N PRO B 152 -2.96 12.45 -26.07
CA PRO B 152 -1.55 12.49 -26.43
C PRO B 152 -0.68 11.40 -25.77
N PHE B 153 -1.28 10.38 -25.18
CA PHE B 153 -0.52 9.31 -24.47
C PHE B 153 -0.49 8.02 -25.27
N LEU B 154 0.68 7.38 -25.31
CA LEU B 154 0.76 5.99 -25.72
C LEU B 154 0.49 5.07 -24.56
N ILE B 155 0.90 5.46 -23.35
CA ILE B 155 0.52 4.72 -22.16
C ILE B 155 -0.07 5.74 -21.18
N ASP B 156 -1.20 5.41 -20.58
CA ASP B 156 -1.68 6.24 -19.48
C ASP B 156 -2.36 5.31 -18.50
N GLN B 157 -1.56 4.67 -17.67
CA GLN B 157 -1.99 3.52 -16.91
C GLN B 157 -1.58 3.78 -15.50
N GLY B 158 -2.60 4.08 -14.68
CA GLY B 158 -2.43 4.40 -13.27
C GLY B 158 -1.52 5.58 -13.15
N ARG B 159 -0.32 5.35 -12.63
CA ARG B 159 0.57 6.44 -12.27
C ARG B 159 1.70 6.65 -13.25
N TYR B 160 1.58 6.00 -14.41
CA TYR B 160 2.63 6.12 -15.42
C TYR B 160 2.01 6.60 -16.70
N LYS B 161 2.68 7.58 -17.31
CA LYS B 161 2.30 8.10 -18.60
C LYS B 161 3.52 8.08 -19.50
N LEU B 162 3.29 7.73 -20.77
CA LEU B 162 4.31 7.81 -21.82
C LEU B 162 3.68 8.61 -22.92
N ALA B 163 4.34 9.71 -23.29
CA ALA B 163 3.78 10.69 -24.23
C ALA B 163 4.81 11.13 -25.23
N ALA B 164 4.37 11.26 -26.47
CA ALA B 164 5.18 11.87 -27.50
C ALA B 164 5.18 13.38 -27.38
N CYS B 165 6.35 13.97 -27.59
CA CYS B 165 6.43 15.42 -27.60
C CYS B 165 7.67 15.85 -28.30
N ASP B 166 7.54 16.92 -29.09
CA ASP B 166 8.72 17.65 -29.51
C ASP B 166 9.11 18.65 -28.43
N LEU B 167 10.16 18.33 -27.67
CA LEU B 167 10.65 19.17 -26.57
C LEU B 167 11.34 20.45 -27.07
N ASN B 168 11.57 20.52 -28.39
CA ASN B 168 11.98 21.79 -29.04
C ASN B 168 10.81 22.74 -29.29
N ASP B 169 9.59 22.27 -29.07
CA ASP B 169 8.41 23.10 -29.18
C ASP B 169 7.87 23.38 -27.79
N ILE B 170 8.18 24.54 -27.24
CA ILE B 170 7.79 24.77 -25.85
C ILE B 170 6.27 24.82 -25.63
N THR B 171 5.53 25.34 -26.60
CA THR B 171 4.08 25.45 -26.46
C THR B 171 3.46 24.04 -26.45
N GLU B 172 3.91 23.15 -27.33
CA GLU B 172 3.40 21.76 -27.28
C GLU B 172 3.76 21.13 -25.95
N THR B 173 4.98 21.37 -25.48
CA THR B 173 5.46 20.78 -24.23
C THR B 173 4.62 21.21 -23.03
N THR B 174 4.37 22.52 -22.93
CA THR B 174 3.55 23.05 -21.82
C THR B 174 2.11 22.56 -21.87
N ARG B 175 1.55 22.46 -23.07
CA ARG B 175 0.19 21.94 -23.22
C ARG B 175 0.14 20.47 -22.78
N LEU B 176 1.14 19.69 -23.18
CA LEU B 176 1.25 18.31 -22.70
C LEU B 176 1.36 18.28 -21.16
N LEU B 177 2.26 19.08 -20.60
CA LEU B 177 2.39 19.13 -19.15
C LEU B 177 1.09 19.49 -18.44
N ASP B 178 0.27 20.34 -19.05
CA ASP B 178 -1.00 20.74 -18.49
C ASP B 178 -1.95 19.57 -18.31
N VAL B 179 -1.83 18.57 -19.18
CA VAL B 179 -2.72 17.40 -19.07
C VAL B 179 -2.16 16.21 -18.29
N CYS B 180 -0.95 16.30 -17.79
CA CYS B 180 -0.43 15.18 -17.04
C CYS B 180 0.30 15.53 -15.75
N THR B 181 0.24 16.79 -15.35
CA THR B 181 0.87 17.20 -14.10
C THR B 181 0.05 18.30 -13.46
N LYS B 182 0.32 18.55 -12.19
CA LYS B 182 -0.33 19.62 -11.46
C LYS B 182 0.73 20.56 -10.93
N ARG B 183 0.44 21.86 -10.93
CA ARG B 183 1.38 22.84 -10.44
C ARG B 183 1.85 22.64 -8.99
N GLU B 184 0.93 22.16 -8.18
CA GLU B 184 1.10 22.15 -6.74
C GLU B 184 1.78 20.89 -6.20
C GLU B 184 1.65 20.83 -6.19
N ILE B 185 1.97 19.89 -7.06
CA ILE B 185 2.66 18.65 -6.63
C ILE B 185 4.17 18.82 -6.82
N PRO B 186 4.98 18.48 -5.80
CA PRO B 186 6.43 18.57 -5.91
C PRO B 186 6.89 17.74 -7.10
N THR B 187 7.74 18.33 -7.91
CA THR B 187 8.07 17.79 -9.22
C THR B 187 9.55 17.57 -9.40
N ILE B 188 9.93 16.36 -9.82
CA ILE B 188 11.32 16.08 -10.24
C ILE B 188 11.34 16.11 -11.75
N VAL B 189 12.22 16.92 -12.31
CA VAL B 189 12.39 16.95 -13.74
C VAL B 189 13.73 16.32 -14.01
N ILE B 190 13.74 15.36 -14.92
CA ILE B 190 14.99 14.71 -15.26
C ILE B 190 15.36 15.04 -16.70
N SER B 191 16.59 15.50 -16.88
CA SER B 191 17.09 15.66 -18.24
C SER B 191 18.44 14.99 -18.30
N GLU B 192 18.44 13.73 -18.66
CA GLU B 192 19.68 12.95 -18.73
C GLU B 192 20.18 12.90 -20.18
N CYS B 193 21.23 13.67 -20.50
CA CYS B 193 21.75 13.74 -21.90
C CYS B 193 20.66 14.14 -22.90
N LEU B 194 19.86 15.12 -22.51
CA LEU B 194 18.83 15.67 -23.37
C LEU B 194 19.26 17.06 -23.86
N LEU B 195 19.54 17.96 -22.89
CA LEU B 195 19.78 19.37 -23.20
C LEU B 195 21.02 19.56 -24.04
N CYS B 196 21.99 18.65 -23.90
CA CYS B 196 23.20 18.71 -24.74
C CYS B 196 22.93 18.66 -26.29
N TYR B 197 21.79 18.15 -26.72
CA TYR B 197 21.44 18.08 -28.14
C TYR B 197 20.56 19.24 -28.60
N MET B 198 20.28 20.19 -27.72
CA MET B 198 19.38 21.24 -28.06
C MET B 198 20.16 22.51 -28.22
N HIS B 199 19.64 23.40 -29.06
CA HIS B 199 20.20 24.74 -29.11
C HIS B 199 19.84 25.49 -27.88
N ASN B 200 20.69 26.47 -27.55
CA ASN B 200 20.50 27.20 -26.31
C ASN B 200 19.13 27.80 -26.08
N ASN B 201 18.51 28.34 -27.14
CA ASN B 201 17.22 29.00 -26.90
C ASN B 201 16.21 27.97 -26.43
N GLU B 202 16.25 26.80 -27.05
CA GLU B 202 15.25 25.77 -26.80
C GLU B 202 15.43 25.20 -25.39
N SER B 203 16.67 24.89 -25.05
CA SER B 203 16.96 24.42 -23.72
C SER B 203 16.69 25.46 -22.66
N GLN B 204 17.07 26.73 -22.89
CA GLN B 204 16.78 27.75 -21.90
C GLN B 204 15.28 27.97 -21.68
N LEU B 205 14.52 28.03 -22.77
CA LEU B 205 13.10 28.29 -22.64
C LEU B 205 12.46 27.07 -21.97
N LEU B 206 12.96 25.86 -22.28
CA LEU B 206 12.48 24.64 -21.62
C LEU B 206 12.70 24.67 -20.11
N ILE B 207 13.92 24.97 -19.71
CA ILE B 207 14.27 25.11 -18.30
C ILE B 207 13.38 26.14 -17.66
N ASN B 208 13.29 27.33 -18.26
CA ASN B 208 12.51 28.43 -17.66
C ASN B 208 11.05 28.11 -17.53
N THR B 209 10.48 27.64 -18.62
CA THR B 209 9.08 27.38 -18.64
C THR B 209 8.69 26.26 -17.71
N ILE B 210 9.41 25.14 -17.78
CA ILE B 210 9.02 24.00 -16.92
C ILE B 210 9.21 24.34 -15.44
N MET B 211 10.33 24.96 -15.07
CA MET B 211 10.48 25.33 -13.67
C MET B 211 9.35 26.23 -13.22
N SER B 212 8.92 27.17 -14.07
N SER B 212 8.93 27.18 -14.07
CA SER B 212 7.85 28.11 -13.71
CA SER B 212 7.84 28.10 -13.72
C SER B 212 6.44 27.50 -13.75
C SER B 212 6.51 27.40 -13.50
N LYS B 213 6.33 26.23 -14.15
CA LYS B 213 5.05 25.49 -14.14
C LYS B 213 4.74 24.82 -12.80
N PHE B 214 5.76 24.72 -11.94
CA PHE B 214 5.62 23.96 -10.70
C PHE B 214 6.05 24.77 -9.50
N SER B 215 5.23 24.79 -8.46
CA SER B 215 5.55 25.59 -7.25
C SER B 215 6.88 25.14 -6.64
N HIS B 216 7.08 23.84 -6.59
CA HIS B 216 8.28 23.31 -5.96
C HIS B 216 8.78 22.11 -6.70
N GLY B 217 10.09 21.97 -6.79
CA GLY B 217 10.60 20.75 -7.43
C GLY B 217 12.10 20.67 -7.40
N LEU B 218 12.59 19.68 -8.13
CA LEU B 218 14.02 19.37 -8.28
C LEU B 218 14.29 19.06 -9.74
N TRP B 219 15.18 19.79 -10.38
CA TRP B 219 15.59 19.42 -11.71
C TRP B 219 16.94 18.71 -11.56
N ILE B 220 17.00 17.49 -12.01
CA ILE B 220 18.26 16.77 -12.10
C ILE B 220 18.69 16.72 -13.56
N SER B 221 19.84 17.28 -13.88
CA SER B 221 20.30 17.26 -15.27
C SER B 221 21.69 16.61 -15.29
N TYR B 222 21.90 15.82 -16.30
CA TYR B 222 23.17 15.16 -16.50
C TYR B 222 23.57 15.42 -17.94
N ASP B 223 24.82 15.81 -18.16
CA ASP B 223 25.26 16.16 -19.52
C ASP B 223 26.76 16.13 -19.56
N PRO B 224 27.31 16.05 -20.78
CA PRO B 224 28.72 16.33 -20.90
C PRO B 224 28.96 17.85 -20.84
N ILE B 225 30.21 18.21 -20.58
CA ILE B 225 30.63 19.61 -20.70
C ILE B 225 31.91 19.58 -21.53
N GLY B 226 32.16 20.67 -22.25
CA GLY B 226 33.30 20.77 -23.16
C GLY B 226 34.67 20.67 -22.50
N GLY B 227 34.76 21.07 -21.24
CA GLY B 227 36.02 21.16 -20.45
C GLY B 227 36.46 22.60 -20.44
N SER B 228 36.89 23.10 -19.30
CA SER B 228 37.29 24.51 -19.23
C SER B 228 38.81 24.73 -19.28
N GLN B 229 39.57 23.67 -19.04
CA GLN B 229 41.01 23.74 -19.11
C GLN B 229 41.54 24.07 -20.51
N PRO B 230 42.67 24.83 -20.58
CA PRO B 230 43.26 25.18 -21.88
C PRO B 230 43.74 23.90 -22.59
N ASN B 231 43.81 23.93 -23.92
CA ASN B 231 44.09 22.72 -24.75
C ASN B 231 43.45 21.41 -24.26
N ASP B 232 42.21 21.54 -23.78
CA ASP B 232 41.36 20.39 -23.54
C ASP B 232 40.56 20.25 -24.82
N ARG B 233 40.78 19.18 -25.56
CA ARG B 233 40.06 18.96 -26.83
C ARG B 233 38.92 17.94 -26.75
N PHE B 234 38.50 17.61 -25.52
CA PHE B 234 37.36 16.72 -25.30
C PHE B 234 36.17 17.16 -26.13
N GLY B 235 35.82 18.45 -25.99
CA GLY B 235 34.65 19.04 -26.66
C GLY B 235 34.74 18.93 -28.17
N ALA B 236 35.88 19.34 -28.72
CA ALA B 236 36.18 19.20 -30.16
C ALA B 236 36.06 17.74 -30.66
N ILE B 237 36.65 16.80 -29.92
CA ILE B 237 36.60 15.38 -30.28
C ILE B 237 35.16 14.91 -30.24
N MET B 238 34.46 15.24 -29.16
CA MET B 238 33.08 14.83 -29.00
C MET B 238 32.24 15.32 -30.17
N GLN B 239 32.36 16.60 -30.50
CA GLN B 239 31.59 17.16 -31.61
C GLN B 239 31.98 16.58 -32.96
N SER B 240 33.28 16.43 -33.23
CA SER B 240 33.76 15.77 -34.46
C SER B 240 33.16 14.40 -34.69
N ASN B 241 33.35 13.51 -33.72
CA ASN B 241 32.94 12.13 -33.89
C ASN B 241 31.42 11.90 -33.72
N LEU B 242 30.73 12.90 -33.15
CA LEU B 242 29.27 12.87 -33.10
C LEU B 242 28.72 13.35 -34.44
N LYS B 243 29.51 14.19 -35.12
CA LYS B 243 29.14 14.75 -36.43
C LYS B 243 29.40 13.76 -37.57
N GLU B 244 29.82 12.54 -37.21
CA GLU B 244 30.09 11.51 -38.21
C GLU B 244 29.32 10.23 -37.94
N SER B 245 29.38 9.76 -36.69
CA SER B 245 28.69 8.54 -36.29
C SER B 245 27.17 8.71 -36.35
N ARG B 246 26.68 9.84 -35.83
CA ARG B 246 25.23 10.08 -35.74
C ARG B 246 24.77 11.26 -36.61
N ASN B 247 25.73 12.01 -37.18
CA ASN B 247 25.48 13.33 -37.78
C ASN B 247 24.55 14.15 -36.87
N LEU B 248 24.93 14.20 -35.60
CA LEU B 248 24.25 15.02 -34.59
C LEU B 248 25.20 16.06 -34.04
N GLU B 249 24.61 17.05 -33.38
CA GLU B 249 25.40 18.10 -32.76
C GLU B 249 25.07 18.33 -31.31
N MET B 250 26.08 18.81 -30.59
CA MET B 250 25.93 19.28 -29.25
C MET B 250 26.22 20.78 -29.26
N PRO B 251 25.18 21.62 -29.54
CA PRO B 251 25.35 23.02 -29.84
C PRO B 251 25.95 23.84 -28.71
N THR B 252 25.76 23.41 -27.46
CA THR B 252 26.16 24.24 -26.32
C THR B 252 27.28 23.60 -25.47
N LEU B 253 27.90 22.54 -26.01
CA LEU B 253 28.92 21.81 -25.31
C LEU B 253 30.06 22.74 -24.96
N MET B 254 30.45 23.63 -25.89
CA MET B 254 31.53 24.57 -25.59
C MET B 254 31.07 25.79 -24.81
N THR B 255 29.83 26.20 -25.00
CA THR B 255 29.23 27.28 -24.24
C THR B 255 29.17 26.97 -22.74
N TYR B 256 28.71 25.76 -22.41
CA TYR B 256 28.67 25.33 -21.02
C TYR B 256 29.78 24.33 -20.80
N ASN B 257 31.01 24.83 -20.74
CA ASN B 257 32.14 23.91 -20.79
C ASN B 257 32.69 23.63 -19.41
N SER B 258 32.09 24.27 -18.42
CA SER B 258 32.40 23.99 -17.03
C SER B 258 31.10 23.73 -16.30
N LYS B 259 31.21 23.03 -15.17
CA LYS B 259 30.05 22.79 -14.29
C LYS B 259 29.39 24.08 -13.80
N GLU B 260 30.19 25.11 -13.57
CA GLU B 260 29.69 26.40 -13.15
C GLU B 260 28.82 27.10 -14.21
N LYS B 261 29.33 27.20 -15.44
CA LYS B 261 28.55 27.72 -16.58
C LYS B 261 27.29 26.90 -16.85
N TYR B 262 27.43 25.59 -16.81
CA TYR B 262 26.29 24.70 -16.94
C TYR B 262 25.21 25.01 -15.88
N ALA B 263 25.56 24.97 -14.60
CA ALA B 263 24.62 25.24 -13.50
C ALA B 263 23.91 26.62 -13.59
N SER B 264 24.59 27.62 -14.17
CA SER B 264 24.02 28.96 -14.35
C SER B 264 22.72 29.00 -15.15
N ARG B 265 22.46 27.98 -15.96
CA ARG B 265 21.22 27.96 -16.73
C ARG B 265 20.00 27.84 -15.83
N TRP B 266 20.22 27.39 -14.59
CA TRP B 266 19.17 27.20 -13.58
C TRP B 266 19.21 28.29 -12.47
N SER B 267 19.87 29.40 -12.75
CA SER B 267 20.06 30.50 -11.79
C SER B 267 18.76 31.08 -11.20
N ALA B 268 17.64 30.93 -11.88
CA ALA B 268 16.33 31.32 -11.33
C ALA B 268 15.92 30.44 -10.18
N ALA B 269 16.51 29.23 -10.08
CA ALA B 269 16.30 28.36 -8.92
C ALA B 269 17.14 28.83 -7.73
N PRO B 270 16.53 28.87 -6.55
CA PRO B 270 17.31 29.34 -5.37
C PRO B 270 18.43 28.39 -4.88
N ASN B 271 18.32 27.09 -5.16
CA ASN B 271 19.24 26.09 -4.63
C ASN B 271 19.79 25.28 -5.80
N VAL B 272 21.03 25.56 -6.20
CA VAL B 272 21.62 24.89 -7.35
C VAL B 272 22.96 24.28 -6.97
N ILE B 273 23.06 22.96 -7.15
CA ILE B 273 24.27 22.21 -6.79
C ILE B 273 24.72 21.56 -8.06
N VAL B 274 26.03 21.58 -8.30
CA VAL B 274 26.58 20.94 -9.46
C VAL B 274 27.91 20.30 -9.11
N ASN B 275 28.10 19.08 -9.60
CA ASN B 275 29.36 18.37 -9.45
C ASN B 275 29.69 17.72 -10.76
N ASP B 276 30.98 17.54 -11.01
CA ASP B 276 31.37 16.67 -12.09
C ASP B 276 31.35 15.26 -11.56
N MET B 277 31.35 14.27 -12.45
CA MET B 277 31.07 12.89 -12.03
C MET B 277 32.26 12.26 -11.27
N TRP B 278 33.43 12.87 -11.45
CA TRP B 278 34.63 12.43 -10.72
C TRP B 278 34.47 12.85 -9.26
N GLU B 279 33.99 14.06 -9.04
CA GLU B 279 33.62 14.49 -7.68
C GLU B 279 32.54 13.58 -7.09
N ILE B 280 31.53 13.25 -7.88
CA ILE B 280 30.54 12.26 -7.41
C ILE B 280 31.21 10.90 -7.03
N PHE B 281 32.09 10.38 -7.88
CA PHE B 281 32.83 9.16 -7.58
C PHE B 281 33.53 9.22 -6.21
N ASN B 282 34.23 10.33 -5.96
CA ASN B 282 34.94 10.51 -4.69
C ASN B 282 34.04 10.83 -3.52
N ALA B 283 32.94 11.51 -3.76
CA ALA B 283 32.09 11.94 -2.67
C ALA B 283 31.00 10.93 -2.30
N GLN B 284 30.46 10.21 -3.27
CA GLN B 284 29.19 9.49 -3.07
C GLN B 284 29.31 8.00 -3.16
N ILE B 285 30.40 7.54 -3.72
CA ILE B 285 30.58 6.10 -3.91
C ILE B 285 31.40 5.60 -2.72
N PRO B 286 30.74 4.88 -1.80
CA PRO B 286 31.41 4.48 -0.58
C PRO B 286 32.42 3.41 -0.89
N GLU B 287 33.35 3.17 0.04
CA GLU B 287 34.38 2.18 -0.17
C GLU B 287 33.83 0.78 -0.54
N SER B 288 32.72 0.38 0.08
CA SER B 288 32.20 -0.95 -0.15
C SER B 288 31.85 -1.11 -1.62
N GLU B 289 31.38 -0.02 -2.26
CA GLU B 289 31.04 -0.05 -3.67
C GLU B 289 32.29 -0.05 -4.50
N ARG B 290 33.30 0.73 -4.11
CA ARG B 290 34.55 0.68 -4.86
C ARG B 290 35.12 -0.71 -4.86
N LYS B 291 35.17 -1.31 -3.68
CA LYS B 291 35.59 -2.71 -3.56
C LYS B 291 34.77 -3.65 -4.42
N ARG B 292 33.43 -3.52 -4.33
CA ARG B 292 32.56 -4.36 -5.15
C ARG B 292 32.85 -4.20 -6.65
N LEU B 293 33.00 -2.97 -7.11
CA LEU B 293 33.30 -2.73 -8.52
C LEU B 293 34.63 -3.34 -8.95
N ARG B 294 35.66 -3.18 -8.09
CA ARG B 294 36.98 -3.82 -8.31
C ARG B 294 36.94 -5.31 -8.53
N SER B 295 36.05 -5.96 -7.82
CA SER B 295 35.93 -7.40 -7.86
C SER B 295 35.23 -7.86 -9.12
N LEU B 296 34.43 -6.98 -9.74
CA LEU B 296 33.67 -7.34 -10.93
C LEU B 296 34.42 -7.09 -12.20
N GLN B 297 35.13 -5.98 -12.23
CA GLN B 297 35.86 -5.60 -13.38
C GLN B 297 36.84 -4.56 -12.90
N PHE B 298 38.10 -4.98 -12.81
CA PHE B 298 39.17 -4.10 -12.38
C PHE B 298 39.45 -2.98 -13.37
N LEU B 299 39.57 -1.78 -12.83
CA LEU B 299 39.76 -0.59 -13.61
C LEU B 299 41.24 -0.26 -13.52
N ASP B 300 41.97 -0.54 -14.59
CA ASP B 300 43.42 -0.36 -14.56
C ASP B 300 43.80 1.09 -14.86
N GLU B 301 42.89 1.83 -15.49
CA GLU B 301 43.20 3.16 -15.98
C GLU B 301 42.33 4.18 -15.28
N LEU B 302 42.64 4.39 -14.02
CA LEU B 302 41.87 5.30 -13.22
C LEU B 302 41.95 6.74 -13.74
N GLU B 303 43.12 7.16 -14.19
CA GLU B 303 43.23 8.50 -14.77
C GLU B 303 42.30 8.68 -15.98
N GLU B 304 42.16 7.64 -16.81
CA GLU B 304 41.27 7.73 -17.97
C GLU B 304 39.82 7.96 -17.55
N LEU B 305 39.40 7.23 -16.53
CA LEU B 305 38.09 7.44 -15.94
C LEU B 305 37.93 8.88 -15.50
N LYS B 306 38.90 9.38 -14.74
CA LYS B 306 38.86 10.77 -14.27
C LYS B 306 38.75 11.77 -15.40
N VAL B 307 39.61 11.63 -16.40
CA VAL B 307 39.56 12.53 -17.53
C VAL B 307 38.13 12.55 -18.13
N MET B 308 37.57 11.37 -18.36
CA MET B 308 36.21 11.30 -18.90
C MET B 308 35.19 11.94 -17.98
N GLN B 309 35.28 11.59 -16.69
CA GLN B 309 34.21 11.94 -15.75
C GLN B 309 34.23 13.39 -15.32
N THR B 310 35.36 14.06 -15.54
CA THR B 310 35.43 15.47 -15.20
C THR B 310 34.71 16.30 -16.29
N HIS B 311 34.32 15.63 -17.37
CA HIS B 311 33.58 16.24 -18.47
C HIS B 311 32.09 15.86 -18.50
N TYR B 312 31.64 15.30 -17.40
CA TYR B 312 30.21 15.06 -17.23
C TYR B 312 29.82 15.65 -15.93
N ILE B 313 28.61 16.20 -15.88
CA ILE B 313 28.20 16.88 -14.69
C ILE B 313 26.84 16.37 -14.24
N LEU B 314 26.61 16.49 -12.95
CA LEU B 314 25.31 16.24 -12.41
C LEU B 314 24.86 17.52 -11.72
N MET B 315 23.82 18.15 -12.28
CA MET B 315 23.25 19.41 -11.79
C MET B 315 21.94 19.10 -11.08
N LYS B 316 21.79 19.57 -9.84
CA LYS B 316 20.53 19.49 -9.09
C LYS B 316 20.08 20.89 -8.81
N ALA B 317 18.93 21.29 -9.35
CA ALA B 317 18.36 22.60 -9.05
C ALA B 317 17.06 22.41 -8.32
N GLN B 318 16.96 23.03 -7.14
CA GLN B 318 15.74 22.96 -6.34
C GLN B 318 15.05 24.31 -6.16
N TRP B 319 13.73 24.29 -6.20
CA TRP B 319 12.92 25.48 -5.98
C TRP B 319 11.66 25.09 -5.24
N TYR C 1 -27.29 1.76 7.76
CA TYR C 1 -25.93 1.66 8.34
C TYR C 1 -25.66 0.29 8.98
N ASP C 2 -26.74 -0.43 9.31
CA ASP C 2 -26.67 -1.80 9.80
C ASP C 2 -26.06 -2.72 8.72
N ALA C 3 -26.57 -2.68 7.48
CA ALA C 3 -25.99 -3.52 6.43
C ALA C 3 -24.50 -3.18 6.21
N LEU C 4 -24.18 -1.90 6.14
CA LEU C 4 -22.81 -1.46 5.88
C LEU C 4 -21.88 -1.91 6.99
N SER C 5 -22.35 -1.80 8.23
CA SER C 5 -21.53 -2.16 9.39
CA SER C 5 -21.50 -2.15 9.38
C SER C 5 -21.21 -3.65 9.34
N CYS C 6 -22.23 -4.44 9.00
CA CYS C 6 -22.05 -5.88 8.88
C CYS C 6 -21.02 -6.15 7.82
N LYS C 7 -21.18 -5.51 6.67
CA LYS C 7 -20.33 -5.80 5.52
C LYS C 7 -18.88 -5.44 5.89
N LEU C 8 -18.68 -4.27 6.46
CA LEU C 8 -17.33 -3.84 6.84
C LEU C 8 -16.67 -4.73 7.92
N ALA C 9 -17.46 -5.17 8.91
CA ALA C 9 -16.95 -6.09 9.94
C ALA C 9 -16.44 -7.39 9.30
N ALA C 10 -17.26 -7.93 8.36
CA ALA C 10 -16.93 -9.22 7.69
C ALA C 10 -15.68 -9.04 6.88
N ILE C 11 -15.55 -7.88 6.23
CA ILE C 11 -14.34 -7.55 5.47
C ILE C 11 -13.15 -7.45 6.41
N SER C 12 -13.36 -6.73 7.51
CA SER C 12 -12.27 -6.45 8.44
C SER C 12 -11.71 -7.74 8.97
N VAL C 13 -12.60 -8.66 9.32
CA VAL C 13 -12.18 -9.95 9.86
C VAL C 13 -11.61 -10.87 8.77
N GLY C 14 -12.12 -10.76 7.55
CA GLY C 14 -11.55 -11.53 6.45
C GLY C 14 -12.49 -12.54 5.87
N TYR C 15 -13.73 -12.59 6.35
CA TYR C 15 -14.79 -13.44 5.74
C TYR C 15 -14.91 -13.10 4.27
N LEU C 16 -14.93 -11.81 3.99
CA LEU C 16 -15.03 -11.31 2.64
C LEU C 16 -13.81 -10.45 2.34
N PRO C 17 -13.37 -10.42 1.07
CA PRO C 17 -13.97 -11.16 -0.04
C PRO C 17 -13.70 -12.69 0.03
N SER C 18 -14.63 -13.44 -0.58
CA SER C 18 -14.49 -14.84 -0.88
C SER C 18 -14.07 -14.89 -2.34
N SER C 19 -12.78 -14.97 -2.58
CA SER C 19 -12.31 -14.84 -3.97
C SER C 19 -12.88 -15.92 -4.92
N GLY C 20 -13.14 -17.12 -4.40
CA GLY C 20 -13.69 -18.22 -5.22
C GLY C 20 -15.16 -17.98 -5.52
N LEU C 21 -15.95 -17.85 -4.46
CA LEU C 21 -17.38 -17.70 -4.59
C LEU C 21 -17.80 -16.38 -5.22
N GLN C 22 -17.00 -15.31 -5.04
CA GLN C 22 -17.32 -14.04 -5.69
C GLN C 22 -16.56 -13.88 -7.00
N ARG C 23 -15.84 -14.93 -7.38
CA ARG C 23 -15.00 -14.95 -8.60
C ARG C 23 -14.18 -13.68 -8.75
N LEU C 24 -13.40 -13.34 -7.71
CA LEU C 24 -12.58 -12.14 -7.76
C LEU C 24 -11.12 -12.55 -7.91
N SER C 25 -10.44 -12.04 -8.95
CA SER C 25 -8.99 -12.16 -9.07
C SER C 25 -8.25 -11.70 -7.82
N VAL C 26 -6.95 -11.94 -7.77
CA VAL C 26 -6.13 -11.40 -6.68
C VAL C 26 -6.28 -9.88 -6.55
N ASP C 27 -6.20 -9.18 -7.69
CA ASP C 27 -6.27 -7.72 -7.67
C ASP C 27 -7.69 -7.20 -7.44
N LEU C 28 -8.68 -7.92 -7.94
CA LEU C 28 -10.06 -7.49 -7.71
C LEU C 28 -10.48 -7.72 -6.25
N SER C 29 -9.99 -8.80 -5.62
CA SER C 29 -10.18 -9.06 -4.20
C SER C 29 -9.58 -7.91 -3.38
N LYS C 30 -8.37 -7.48 -3.74
CA LYS C 30 -7.72 -6.29 -3.13
C LYS C 30 -8.62 -5.06 -3.27
N LYS C 31 -9.13 -4.86 -4.47
CA LYS C 31 -9.95 -3.69 -4.79
C LYS C 31 -11.25 -3.68 -4.01
N TYR C 32 -11.89 -4.85 -3.95
CA TYR C 32 -13.12 -5.04 -3.20
C TYR C 32 -12.94 -4.54 -1.75
N THR C 33 -11.89 -5.01 -1.09
CA THR C 33 -11.52 -4.47 0.23
C THR C 33 -11.25 -2.95 0.23
N GLU C 34 -10.44 -2.46 -0.72
CA GLU C 34 -10.11 -1.04 -0.79
C GLU C 34 -11.36 -0.15 -0.99
N TRP C 35 -12.27 -0.58 -1.88
CA TRP C 35 -13.49 0.18 -2.13
C TRP C 35 -14.35 0.32 -0.89
N HIS C 36 -14.53 -0.77 -0.15
CA HIS C 36 -15.36 -0.72 1.04
C HIS C 36 -14.67 0.08 2.16
N ARG C 37 -13.38 -0.12 2.32
CA ARG C 37 -12.61 0.71 3.28
C ARG C 37 -12.70 2.21 2.96
N SER C 38 -12.56 2.58 1.69
CA SER C 38 -12.65 3.99 1.28
C SER C 38 -14.08 4.51 1.48
N TYR C 39 -15.05 3.66 1.19
CA TYR C 39 -16.46 4.04 1.43
C TYR C 39 -16.66 4.49 2.87
N LEU C 40 -16.15 3.69 3.81
CA LEU C 40 -16.28 4.04 5.22
C LEU C 40 -15.61 5.38 5.56
N ILE C 41 -14.37 5.54 5.10
CA ILE C 41 -13.57 6.75 5.34
C ILE C 41 -14.35 7.97 4.78
N THR C 42 -14.97 7.79 3.63
CA THR C 42 -15.66 8.89 2.96
C THR C 42 -16.99 9.19 3.65
N LEU C 43 -17.66 8.15 4.12
CA LEU C 43 -18.87 8.32 4.91
C LEU C 43 -18.51 9.22 6.09
N LYS C 44 -17.40 8.92 6.77
CA LYS C 44 -16.91 9.74 7.87
C LYS C 44 -16.87 11.24 7.49
N LYS C 45 -16.25 11.55 6.35
CA LYS C 45 -16.20 12.91 5.86
C LYS C 45 -17.60 13.56 5.78
N PHE C 46 -18.62 12.78 5.42
CA PHE C 46 -19.95 13.31 5.21
C PHE C 46 -20.87 13.30 6.42
N SER C 47 -20.61 12.44 7.41
CA SER C 47 -21.50 12.32 8.55
C SER C 47 -20.76 11.70 9.71
N ARG C 48 -20.45 12.54 10.69
CA ARG C 48 -19.89 12.08 11.96
C ARG C 48 -20.84 11.06 12.58
N ARG C 49 -22.13 11.41 12.58
CA ARG C 49 -23.16 10.58 13.14
C ARG C 49 -23.22 9.18 12.50
N ALA C 50 -23.26 9.11 11.17
CA ALA C 50 -23.32 7.84 10.45
C ALA C 50 -22.05 7.03 10.69
N PHE C 51 -20.89 7.68 10.63
CA PHE C 51 -19.63 6.97 10.82
C PHE C 51 -19.56 6.39 12.24
N GLY C 52 -19.97 7.16 13.24
CA GLY C 52 -20.02 6.66 14.62
C GLY C 52 -20.91 5.45 14.82
N LYS C 53 -22.09 5.44 14.20
CA LYS C 53 -22.97 4.28 14.25
C LYS C 53 -22.28 3.07 13.63
N VAL C 54 -21.72 3.29 12.47
CA VAL C 54 -21.05 2.20 11.75
C VAL C 54 -19.86 1.65 12.53
N ASP C 55 -19.04 2.56 13.05
CA ASP C 55 -17.85 2.17 13.77
C ASP C 55 -18.15 1.31 15.01
N LYS C 56 -19.14 1.74 15.78
CA LYS C 56 -19.54 1.01 16.97
C LYS C 56 -20.12 -0.35 16.67
N ALA C 57 -20.92 -0.44 15.60
CA ALA C 57 -21.51 -1.71 15.21
C ALA C 57 -20.44 -2.69 14.71
N MET C 58 -19.41 -2.17 14.04
CA MET C 58 -18.29 -3.02 13.58
C MET C 58 -17.49 -3.61 14.72
N ARG C 59 -17.26 -2.80 15.75
CA ARG C 59 -16.46 -3.24 16.89
C ARG C 59 -17.21 -4.28 17.74
N SER C 60 -18.52 -4.26 17.65
CA SER C 60 -19.35 -5.11 18.48
C SER C 60 -19.84 -6.33 17.69
N SER C 61 -19.41 -6.45 16.43
CA SER C 61 -19.88 -7.54 15.57
C SER C 61 -19.38 -8.87 16.14
N PHE C 62 -20.21 -9.88 16.11
CA PHE C 62 -19.77 -11.18 16.60
C PHE C 62 -19.72 -12.21 15.48
N PRO C 63 -18.96 -13.28 15.68
CA PRO C 63 -18.83 -14.33 14.69
C PRO C 63 -20.13 -14.80 14.07
N VAL C 64 -21.18 -15.06 14.86
CA VAL C 64 -22.45 -15.52 14.21
C VAL C 64 -22.99 -14.53 13.16
N MET C 65 -22.86 -13.25 13.51
CA MET C 65 -23.26 -12.13 12.64
CA MET C 65 -23.30 -12.18 12.62
C MET C 65 -22.43 -12.14 11.36
N ASN C 66 -21.13 -12.31 11.53
CA ASN C 66 -20.19 -12.33 10.43
C ASN C 66 -20.43 -13.48 9.44
N TYR C 67 -20.73 -14.65 10.00
CA TYR C 67 -21.22 -15.73 9.20
C TYR C 67 -22.50 -15.35 8.45
N GLY C 68 -23.44 -14.69 9.14
CA GLY C 68 -24.68 -14.25 8.47
C GLY C 68 -24.35 -13.36 7.27
N THR C 69 -23.43 -12.43 7.49
CA THR C 69 -23.08 -11.47 6.44
C THR C 69 -22.38 -12.15 5.29
N TYR C 70 -21.48 -13.10 5.60
CA TYR C 70 -20.75 -13.82 4.55
C TYR C 70 -21.75 -14.61 3.67
N LEU C 71 -22.68 -15.30 4.31
CA LEU C 71 -23.62 -16.21 3.62
C LEU C 71 -24.55 -15.40 2.71
N ARG C 72 -25.08 -14.34 3.30
CA ARG C 72 -25.86 -13.32 2.59
C ARG C 72 -25.19 -12.86 1.33
N THR C 73 -23.93 -12.42 1.45
CA THR C 73 -23.17 -11.85 0.39
C THR C 73 -22.73 -12.85 -0.67
N VAL C 74 -22.21 -14.01 -0.26
CA VAL C 74 -21.79 -14.96 -1.26
C VAL C 74 -22.99 -15.62 -1.94
N GLY C 75 -24.09 -15.80 -1.21
CA GLY C 75 -25.32 -16.34 -1.77
C GLY C 75 -25.82 -15.46 -2.91
N ILE C 76 -25.98 -14.17 -2.62
CA ILE C 76 -26.39 -13.22 -3.65
C ILE C 76 -25.39 -13.18 -4.81
N ASP C 77 -24.11 -13.03 -4.51
CA ASP C 77 -23.13 -12.97 -5.58
C ASP C 77 -23.05 -14.23 -6.44
N ALA C 78 -23.06 -15.39 -5.81
CA ALA C 78 -23.00 -16.65 -6.54
C ALA C 78 -24.19 -16.75 -7.53
N ALA C 79 -25.38 -16.34 -7.10
CA ALA C 79 -26.61 -16.31 -7.91
C ALA C 79 -26.50 -15.36 -9.14
N ILE C 80 -25.93 -14.17 -8.91
CA ILE C 80 -25.58 -13.22 -9.96
C ILE C 80 -24.59 -13.81 -10.96
N LEU C 81 -23.51 -14.42 -10.46
CA LEU C 81 -22.43 -14.87 -11.33
C LEU C 81 -22.89 -16.01 -12.23
N GLU C 82 -23.76 -16.87 -11.70
CA GLU C 82 -24.35 -17.95 -12.46
C GLU C 82 -25.18 -17.43 -13.64
N PHE C 83 -26.07 -16.48 -13.37
CA PHE C 83 -26.92 -15.89 -14.43
C PHE C 83 -26.05 -15.26 -15.50
N LEU C 84 -24.92 -14.69 -15.10
CA LEU C 84 -23.99 -14.01 -16.02
C LEU C 84 -23.22 -14.95 -16.97
N VAL C 85 -22.94 -16.17 -16.50
CA VAL C 85 -22.37 -17.21 -17.39
C VAL C 85 -23.28 -17.38 -18.62
N ALA C 86 -24.58 -17.56 -18.36
CA ALA C 86 -25.56 -17.78 -19.41
C ALA C 86 -26.05 -16.50 -20.10
N ASN C 87 -25.83 -15.34 -19.48
CA ASN C 87 -26.34 -14.07 -20.03
C ASN C 87 -25.29 -12.97 -20.00
N GLU C 88 -24.55 -12.84 -21.10
CA GLU C 88 -23.51 -11.83 -21.27
C GLU C 88 -24.04 -10.40 -21.15
N LYS C 89 -25.06 -10.07 -21.95
CA LYS C 89 -25.68 -8.74 -21.92
C LYS C 89 -26.85 -8.75 -20.95
N VAL C 90 -26.68 -8.02 -19.84
N VAL C 90 -26.68 -7.99 -19.86
CA VAL C 90 -27.65 -8.00 -18.74
CA VAL C 90 -27.65 -7.94 -18.78
C VAL C 90 -27.79 -6.58 -18.19
C VAL C 90 -27.82 -6.52 -18.28
N GLN C 91 -28.95 -6.26 -17.64
CA GLN C 91 -29.08 -5.10 -16.80
C GLN C 91 -29.34 -5.58 -15.37
N VAL C 92 -28.69 -4.93 -14.40
CA VAL C 92 -28.93 -5.24 -13.01
C VAL C 92 -29.70 -4.08 -12.37
N VAL C 93 -30.81 -4.41 -11.69
CA VAL C 93 -31.59 -3.41 -10.95
C VAL C 93 -31.53 -3.69 -9.44
N ASN C 94 -30.85 -2.83 -8.72
CA ASN C 94 -30.66 -3.05 -7.30
C ASN C 94 -31.61 -2.14 -6.53
N LEU C 95 -32.67 -2.76 -5.97
CA LEU C 95 -33.76 -2.03 -5.33
C LEU C 95 -33.44 -1.86 -3.87
N GLY C 96 -33.40 -0.60 -3.41
CA GLY C 96 -33.04 -0.29 -2.05
C GLY C 96 -31.56 -0.60 -1.89
N CYS C 97 -30.74 -0.03 -2.77
CA CYS C 97 -29.32 -0.39 -2.86
C CYS C 97 -28.50 0.00 -1.62
N GLY C 98 -28.88 1.07 -0.92
CA GLY C 98 -28.11 1.55 0.24
C GLY C 98 -26.65 1.71 -0.15
N SER C 99 -25.76 1.17 0.67
N SER C 99 -25.75 1.18 0.66
CA SER C 99 -24.31 1.31 0.48
CA SER C 99 -24.31 1.35 0.45
C SER C 99 -23.69 0.16 -0.33
C SER C 99 -23.67 0.24 -0.41
N ASP C 100 -24.51 -0.59 -1.03
CA ASP C 100 -24.02 -1.77 -1.78
C ASP C 100 -23.04 -1.34 -2.86
N LEU C 101 -21.90 -2.01 -2.90
CA LEU C 101 -20.90 -1.71 -3.91
C LEU C 101 -20.71 -2.83 -4.91
N ARG C 102 -21.69 -3.72 -5.06
CA ARG C 102 -21.44 -4.86 -5.92
C ARG C 102 -21.31 -4.45 -7.36
N MET C 103 -21.84 -3.29 -7.75
CA MET C 103 -21.64 -2.84 -9.11
C MET C 103 -20.16 -2.67 -9.45
N LEU C 104 -19.29 -2.46 -8.46
CA LEU C 104 -17.90 -2.19 -8.83
C LEU C 104 -17.16 -3.40 -9.44
N PRO C 105 -17.13 -4.56 -8.75
CA PRO C 105 -16.53 -5.76 -9.40
C PRO C 105 -17.31 -6.20 -10.65
N LEU C 106 -18.64 -6.13 -10.60
CA LEU C 106 -19.49 -6.55 -11.69
C LEU C 106 -19.27 -5.80 -12.97
N LEU C 107 -19.25 -4.47 -12.88
CA LEU C 107 -18.99 -3.63 -14.06
C LEU C 107 -17.57 -3.85 -14.58
N GLN C 108 -16.63 -4.20 -13.72
CA GLN C 108 -15.29 -4.52 -14.20
C GLN C 108 -15.22 -5.87 -14.88
N MET C 109 -15.88 -6.86 -14.31
CA MET C 109 -15.79 -8.19 -14.88
C MET C 109 -16.68 -8.41 -16.09
N PHE C 110 -17.77 -7.65 -16.19
CA PHE C 110 -18.77 -7.88 -17.23
C PHE C 110 -19.02 -6.65 -18.09
N PRO C 111 -18.35 -6.58 -19.27
CA PRO C 111 -18.32 -5.35 -20.08
C PRO C 111 -19.68 -4.95 -20.63
N HIS C 112 -20.57 -5.94 -20.77
CA HIS C 112 -21.91 -5.70 -21.31
C HIS C 112 -22.99 -5.69 -20.22
N LEU C 113 -22.56 -5.49 -18.97
CA LEU C 113 -23.50 -5.45 -17.88
C LEU C 113 -23.78 -3.99 -17.57
N ALA C 114 -25.05 -3.64 -17.45
CA ALA C 114 -25.40 -2.31 -17.00
C ALA C 114 -26.07 -2.45 -15.62
N TYR C 115 -25.92 -1.45 -14.79
CA TYR C 115 -26.37 -1.57 -13.41
C TYR C 115 -27.11 -0.32 -13.03
N VAL C 116 -28.22 -0.52 -12.33
CA VAL C 116 -29.07 0.57 -11.90
C VAL C 116 -29.26 0.43 -10.42
N ASP C 117 -28.87 1.45 -9.68
CA ASP C 117 -29.01 1.51 -8.24
C ASP C 117 -30.20 2.40 -7.90
N ILE C 118 -31.16 1.89 -7.14
CA ILE C 118 -32.28 2.69 -6.70
C ILE C 118 -32.48 2.67 -5.19
N ASP C 119 -32.67 3.85 -4.63
CA ASP C 119 -33.04 3.92 -3.23
C ASP C 119 -33.76 5.23 -3.00
N TYR C 120 -34.27 5.44 -1.79
CA TYR C 120 -34.94 6.69 -1.47
C TYR C 120 -33.96 7.87 -1.53
N ASN C 121 -34.51 9.09 -1.58
CA ASN C 121 -33.75 10.28 -1.95
C ASN C 121 -32.52 10.46 -1.07
N GLU C 122 -32.74 10.39 0.24
CA GLU C 122 -31.72 10.64 1.25
C GLU C 122 -30.55 9.66 1.14
N SER C 123 -30.87 8.39 0.85
N SER C 123 -30.84 8.39 0.87
CA SER C 123 -29.87 7.33 0.71
CA SER C 123 -29.79 7.37 0.71
C SER C 123 -28.98 7.53 -0.51
C SER C 123 -28.95 7.67 -0.51
N VAL C 124 -29.61 7.78 -1.67
CA VAL C 124 -28.89 8.01 -2.91
C VAL C 124 -28.06 9.30 -2.90
N GLU C 125 -28.55 10.35 -2.24
CA GLU C 125 -27.75 11.60 -2.19
C GLU C 125 -26.44 11.37 -1.45
N LEU C 126 -26.51 10.68 -0.32
CA LEU C 126 -25.33 10.40 0.45
C LEU C 126 -24.42 9.45 -0.30
N LYS C 127 -24.97 8.40 -0.93
CA LYS C 127 -24.16 7.52 -1.74
C LYS C 127 -23.49 8.29 -2.87
N ASN C 128 -24.27 9.14 -3.55
CA ASN C 128 -23.71 9.94 -4.64
C ASN C 128 -22.51 10.73 -4.12
N SER C 129 -22.70 11.34 -2.96
CA SER C 129 -21.66 12.20 -2.38
C SER C 129 -20.40 11.37 -2.13
N ILE C 130 -20.59 10.21 -1.53
CA ILE C 130 -19.46 9.34 -1.22
C ILE C 130 -18.73 8.86 -2.47
N LEU C 131 -19.48 8.37 -3.45
CA LEU C 131 -18.87 7.82 -4.69
C LEU C 131 -18.11 8.91 -5.40
N ARG C 132 -18.64 10.13 -5.40
CA ARG C 132 -17.97 11.21 -6.12
C ARG C 132 -16.78 11.79 -5.35
N GLU C 133 -16.81 11.74 -4.01
CA GLU C 133 -15.71 12.23 -3.20
C GLU C 133 -14.54 11.25 -3.09
N SER C 134 -14.82 9.95 -2.93
CA SER C 134 -13.77 8.97 -2.79
C SER C 134 -13.07 8.84 -4.11
N GLU C 135 -11.76 9.12 -4.13
CA GLU C 135 -10.97 9.03 -5.36
C GLU C 135 -11.06 7.64 -5.97
N ILE C 136 -10.79 6.62 -5.18
CA ILE C 136 -10.78 5.25 -5.69
C ILE C 136 -12.18 4.84 -6.24
N LEU C 137 -13.26 5.29 -5.60
CA LEU C 137 -14.61 4.94 -6.04
C LEU C 137 -14.96 5.76 -7.28
N ARG C 138 -14.70 7.07 -7.23
CA ARG C 138 -14.88 7.97 -8.37
C ARG C 138 -14.17 7.43 -9.61
N ILE C 139 -12.90 7.10 -9.45
CA ILE C 139 -12.10 6.61 -10.58
C ILE C 139 -12.65 5.31 -11.15
N SER C 140 -13.06 4.40 -10.27
N SER C 140 -12.99 4.37 -10.28
CA SER C 140 -13.62 3.08 -10.63
CA SER C 140 -13.60 3.12 -10.71
C SER C 140 -14.94 3.12 -11.40
C SER C 140 -14.78 3.36 -11.64
N LEU C 141 -15.72 4.18 -11.19
CA LEU C 141 -16.95 4.45 -11.92
C LEU C 141 -16.81 5.51 -13.03
N GLY C 142 -15.62 6.06 -13.19
CA GLY C 142 -15.36 7.09 -14.19
C GLY C 142 -16.14 8.37 -13.95
N LEU C 143 -16.29 8.75 -12.69
CA LEU C 143 -17.12 9.88 -12.30
C LEU C 143 -16.31 11.17 -12.18
N SER C 144 -17.02 12.30 -12.18
CA SER C 144 -16.43 13.58 -11.83
C SER C 144 -16.79 13.86 -10.37
N LYS C 145 -15.94 14.62 -9.70
CA LYS C 145 -16.14 14.97 -8.31
C LYS C 145 -17.45 15.74 -8.10
N GLU C 146 -17.68 16.75 -8.95
CA GLU C 146 -18.88 17.57 -8.84
C GLU C 146 -20.09 16.89 -9.49
N ASP C 147 -21.26 17.03 -8.85
CA ASP C 147 -22.52 16.44 -9.32
C ASP C 147 -22.85 16.91 -10.74
N THR C 148 -22.78 15.98 -11.70
CA THR C 148 -22.96 16.30 -13.11
C THR C 148 -24.28 15.83 -13.72
N ALA C 149 -24.76 14.66 -13.29
CA ALA C 149 -25.94 14.02 -13.90
C ALA C 149 -27.21 14.89 -13.92
N LYS C 150 -28.14 14.55 -14.80
CA LYS C 150 -29.43 15.25 -14.86
C LYS C 150 -30.54 14.34 -14.39
N SER C 151 -31.56 14.92 -13.76
CA SER C 151 -32.76 14.18 -13.36
C SER C 151 -33.21 13.14 -14.40
N PRO C 152 -33.74 12.01 -13.92
CA PRO C 152 -33.97 11.76 -12.49
C PRO C 152 -32.79 11.03 -11.82
N PHE C 153 -31.58 11.24 -12.32
CA PHE C 153 -30.40 10.51 -11.88
C PHE C 153 -29.44 11.40 -11.13
N LEU C 154 -28.77 10.82 -10.13
CA LEU C 154 -27.68 11.48 -9.45
C LEU C 154 -26.37 11.09 -10.11
N ILE C 155 -26.33 9.86 -10.62
CA ILE C 155 -25.21 9.37 -11.39
C ILE C 155 -25.81 8.71 -12.63
N ASP C 156 -25.25 9.01 -13.79
CA ASP C 156 -25.62 8.34 -15.02
C ASP C 156 -24.37 8.28 -15.88
N GLN C 157 -23.48 7.37 -15.50
CA GLN C 157 -22.14 7.35 -16.01
C GLN C 157 -21.84 5.99 -16.58
N GLY C 158 -21.74 5.94 -17.91
CA GLY C 158 -21.52 4.70 -18.65
C GLY C 158 -22.66 3.75 -18.36
N ARG C 159 -22.29 2.61 -17.80
CA ARG C 159 -23.16 1.49 -17.50
C ARG C 159 -23.65 1.44 -16.05
N TYR C 160 -23.52 2.56 -15.32
CA TYR C 160 -24.08 2.71 -13.96
C TYR C 160 -24.98 3.91 -13.85
N LYS C 161 -26.12 3.70 -13.22
CA LYS C 161 -27.03 4.76 -12.91
C LYS C 161 -27.37 4.68 -11.42
N LEU C 162 -27.47 5.85 -10.78
CA LEU C 162 -27.99 5.94 -9.42
C LEU C 162 -29.15 6.92 -9.41
N ALA C 163 -30.31 6.45 -8.93
CA ALA C 163 -31.53 7.23 -9.01
C ALA C 163 -32.32 7.14 -7.72
N ALA C 164 -32.88 8.27 -7.33
CA ALA C 164 -33.81 8.34 -6.22
C ALA C 164 -35.16 7.84 -6.67
N CYS C 165 -35.82 7.07 -5.83
CA CYS C 165 -37.17 6.62 -6.11
C CYS C 165 -37.88 6.25 -4.84
N ASP C 166 -39.18 6.52 -4.81
CA ASP C 166 -40.07 5.97 -3.82
C ASP C 166 -40.60 4.65 -4.33
N LEU C 167 -40.10 3.57 -3.74
CA LEU C 167 -40.42 2.25 -4.26
C LEU C 167 -41.81 1.80 -3.87
N ASN C 168 -42.46 2.61 -3.05
CA ASN C 168 -43.85 2.35 -2.72
C ASN C 168 -44.78 3.12 -3.68
N ASP C 169 -44.18 3.88 -4.61
CA ASP C 169 -44.94 4.61 -5.64
C ASP C 169 -44.66 3.87 -6.92
N ILE C 170 -45.62 3.03 -7.32
CA ILE C 170 -45.44 2.12 -8.45
C ILE C 170 -45.30 2.88 -9.76
N THR C 171 -46.02 4.00 -9.86
CA THR C 171 -45.98 4.91 -11.02
C THR C 171 -44.61 5.56 -11.19
N GLU C 172 -44.09 6.14 -10.11
CA GLU C 172 -42.74 6.67 -10.09
C GLU C 172 -41.72 5.61 -10.48
N THR C 173 -41.84 4.42 -9.89
CA THR C 173 -40.93 3.32 -10.14
C THR C 173 -40.97 2.83 -11.59
N THR C 174 -42.15 2.73 -12.20
CA THR C 174 -42.14 2.24 -13.59
C THR C 174 -41.58 3.30 -14.52
N ARG C 175 -41.95 4.56 -14.29
CA ARG C 175 -41.47 5.70 -15.06
C ARG C 175 -39.95 5.78 -15.02
N LEU C 176 -39.39 5.62 -13.82
N LEU C 176 -39.38 5.64 -13.82
CA LEU C 176 -37.95 5.54 -13.65
CA LEU C 176 -37.93 5.53 -13.67
C LEU C 176 -37.35 4.36 -14.40
C LEU C 176 -37.37 4.37 -14.45
N LEU C 177 -37.94 3.18 -14.25
CA LEU C 177 -37.44 2.02 -14.96
C LEU C 177 -37.51 2.16 -16.48
N ASP C 178 -38.50 2.89 -16.96
CA ASP C 178 -38.67 3.16 -18.37
C ASP C 178 -37.47 3.89 -18.98
N VAL C 179 -36.78 4.70 -18.18
CA VAL C 179 -35.69 5.54 -18.71
C VAL C 179 -34.32 4.98 -18.38
N CYS C 180 -34.26 3.80 -17.79
CA CYS C 180 -32.95 3.22 -17.47
C CYS C 180 -32.87 1.72 -17.66
N THR C 181 -33.91 1.14 -18.26
CA THR C 181 -33.86 -0.26 -18.63
C THR C 181 -34.63 -0.47 -19.93
N LYS C 182 -34.38 -1.63 -20.54
CA LYS C 182 -35.03 -2.09 -21.75
C LYS C 182 -35.70 -3.41 -21.43
N ARG C 183 -36.93 -3.58 -21.92
CA ARG C 183 -37.69 -4.82 -21.76
C ARG C 183 -36.95 -6.07 -22.23
N GLU C 184 -36.27 -5.97 -23.37
CA GLU C 184 -35.66 -7.14 -24.01
C GLU C 184 -34.25 -7.53 -23.52
N ILE C 185 -33.70 -6.78 -22.56
CA ILE C 185 -32.39 -7.14 -22.00
C ILE C 185 -32.61 -8.04 -20.77
N PRO C 186 -31.97 -9.23 -20.71
CA PRO C 186 -32.14 -10.06 -19.51
C PRO C 186 -31.85 -9.22 -18.24
N THR C 187 -32.68 -9.34 -17.21
CA THR C 187 -32.62 -8.43 -16.07
C THR C 187 -32.44 -9.17 -14.72
N ILE C 188 -31.36 -8.87 -14.00
CA ILE C 188 -31.26 -9.28 -12.57
C ILE C 188 -31.86 -8.19 -11.69
N VAL C 189 -32.85 -8.55 -10.91
CA VAL C 189 -33.41 -7.64 -9.94
C VAL C 189 -32.90 -8.14 -8.58
N ILE C 190 -32.36 -7.22 -7.79
CA ILE C 190 -31.90 -7.57 -6.44
C ILE C 190 -32.73 -6.85 -5.40
N SER C 191 -33.27 -7.58 -4.44
CA SER C 191 -33.91 -6.95 -3.30
C SER C 191 -33.32 -7.63 -2.06
N GLU C 192 -32.33 -6.98 -1.45
CA GLU C 192 -31.62 -7.54 -0.31
C GLU C 192 -32.11 -6.81 0.92
N CYS C 193 -32.90 -7.49 1.76
CA CYS C 193 -33.51 -6.88 2.95
C CYS C 193 -34.23 -5.60 2.59
N LEU C 194 -35.05 -5.66 1.55
CA LEU C 194 -35.82 -4.50 1.13
C LEU C 194 -37.28 -4.82 1.36
N LEU C 195 -37.74 -5.92 0.75
CA LEU C 195 -39.17 -6.28 0.81
C LEU C 195 -39.69 -6.49 2.23
N CYS C 196 -38.80 -6.83 3.16
CA CYS C 196 -39.24 -7.09 4.55
C CYS C 196 -39.76 -5.85 5.25
N TYR C 197 -39.41 -4.67 4.74
CA TYR C 197 -39.88 -3.44 5.35
C TYR C 197 -41.17 -2.93 4.70
N MET C 198 -41.70 -3.70 3.75
CA MET C 198 -42.84 -3.30 2.92
C MET C 198 -44.09 -4.14 3.19
N HIS C 199 -45.27 -3.54 2.93
CA HIS C 199 -46.54 -4.17 3.19
C HIS C 199 -46.83 -5.12 2.07
N ASN C 200 -47.68 -6.10 2.35
CA ASN C 200 -47.86 -7.24 1.48
C ASN C 200 -48.16 -6.85 0.03
N ASN C 201 -49.24 -6.10 -0.18
CA ASN C 201 -49.70 -5.88 -1.52
C ASN C 201 -48.76 -5.02 -2.36
N GLU C 202 -48.19 -3.98 -1.74
CA GLU C 202 -47.25 -3.09 -2.42
C GLU C 202 -45.96 -3.79 -2.87
N SER C 203 -45.42 -4.68 -2.01
CA SER C 203 -44.31 -5.54 -2.39
C SER C 203 -44.74 -6.50 -3.50
N GLN C 204 -45.96 -7.04 -3.44
CA GLN C 204 -46.45 -7.92 -4.51
C GLN C 204 -46.64 -7.16 -5.82
N LEU C 205 -47.16 -5.95 -5.73
CA LEU C 205 -47.32 -5.05 -6.89
C LEU C 205 -45.95 -4.74 -7.50
N LEU C 206 -45.01 -4.35 -6.65
CA LEU C 206 -43.61 -4.17 -7.03
C LEU C 206 -43.08 -5.40 -7.75
N ILE C 207 -43.23 -6.58 -7.13
CA ILE C 207 -42.74 -7.82 -7.76
C ILE C 207 -43.41 -8.07 -9.11
N ASN C 208 -44.74 -8.02 -9.12
CA ASN C 208 -45.51 -8.26 -10.36
C ASN C 208 -45.16 -7.26 -11.47
N THR C 209 -45.20 -5.98 -11.13
CA THR C 209 -44.89 -4.88 -12.07
C THR C 209 -43.51 -5.03 -12.67
N ILE C 210 -42.52 -5.17 -11.80
CA ILE C 210 -41.14 -5.28 -12.24
C ILE C 210 -40.84 -6.52 -13.08
N MET C 211 -41.22 -7.73 -12.66
CA MET C 211 -40.91 -8.84 -13.57
C MET C 211 -41.68 -8.82 -14.90
N SER C 212 -42.86 -8.20 -14.91
N SER C 212 -42.87 -8.22 -14.90
CA SER C 212 -43.67 -8.10 -16.13
CA SER C 212 -43.65 -8.11 -16.14
C SER C 212 -43.18 -6.99 -17.09
C SER C 212 -43.02 -7.15 -17.15
N LYS C 213 -42.18 -6.23 -16.64
CA LYS C 213 -41.54 -5.21 -17.47
C LYS C 213 -40.41 -5.80 -18.29
N PHE C 214 -39.97 -7.00 -17.95
CA PHE C 214 -38.81 -7.60 -18.63
C PHE C 214 -39.10 -9.00 -19.14
N SER C 215 -38.73 -9.25 -20.40
CA SER C 215 -39.06 -10.54 -21.03
C SER C 215 -38.49 -11.71 -20.22
N HIS C 216 -37.21 -11.62 -19.87
CA HIS C 216 -36.57 -12.60 -19.03
C HIS C 216 -35.65 -11.93 -18.00
N GLY C 217 -35.42 -12.64 -16.89
CA GLY C 217 -34.55 -12.15 -15.82
C GLY C 217 -34.50 -13.10 -14.64
N LEU C 218 -33.87 -12.62 -13.56
CA LEU C 218 -33.69 -13.37 -12.33
C LEU C 218 -33.87 -12.37 -11.22
N TRP C 219 -34.82 -12.65 -10.33
CA TRP C 219 -35.00 -11.85 -9.14
C TRP C 219 -34.27 -12.60 -8.02
N ILE C 220 -33.36 -11.90 -7.33
CA ILE C 220 -32.66 -12.49 -6.18
C ILE C 220 -33.13 -11.74 -4.97
N SER C 221 -33.87 -12.41 -4.11
CA SER C 221 -34.34 -11.73 -2.92
C SER C 221 -33.72 -12.40 -1.70
N TYR C 222 -33.34 -11.57 -0.73
CA TYR C 222 -32.82 -12.07 0.55
C TYR C 222 -33.56 -11.32 1.60
N ASP C 223 -34.01 -12.03 2.64
CA ASP C 223 -34.85 -11.45 3.66
C ASP C 223 -34.88 -12.40 4.85
N PRO C 224 -35.28 -11.88 6.02
CA PRO C 224 -35.59 -12.71 7.16
C PRO C 224 -37.02 -13.33 7.02
N ILE C 225 -37.26 -14.42 7.74
CA ILE C 225 -38.57 -15.07 7.79
C ILE C 225 -38.88 -15.33 9.26
N GLY C 226 -40.15 -15.27 9.62
CA GLY C 226 -40.49 -15.28 11.04
C GLY C 226 -40.25 -16.60 11.73
N GLY C 227 -40.22 -17.70 10.96
CA GLY C 227 -40.13 -19.06 11.51
C GLY C 227 -41.50 -19.74 11.52
N SER C 228 -41.53 -21.04 11.25
CA SER C 228 -42.83 -21.73 11.11
C SER C 228 -43.10 -22.59 12.32
N GLN C 229 -42.07 -23.33 12.74
CA GLN C 229 -42.15 -24.26 13.87
C GLN C 229 -42.80 -23.61 15.11
N PRO C 230 -43.68 -24.36 15.82
CA PRO C 230 -44.39 -23.74 16.94
C PRO C 230 -43.42 -23.48 18.09
N ASN C 231 -43.66 -22.39 18.83
CA ASN C 231 -42.80 -21.99 19.95
C ASN C 231 -41.72 -21.02 19.48
N ASP C 232 -41.56 -20.90 18.16
CA ASP C 232 -40.57 -20.02 17.53
C ASP C 232 -40.92 -18.54 17.68
N ARG C 233 -40.21 -17.87 18.59
CA ARG C 233 -40.41 -16.45 18.85
C ARG C 233 -39.38 -15.57 18.17
N PHE C 234 -38.56 -16.13 17.26
CA PHE C 234 -37.69 -15.32 16.41
C PHE C 234 -38.42 -14.11 15.81
N GLY C 235 -39.53 -14.36 15.11
CA GLY C 235 -40.26 -13.32 14.42
C GLY C 235 -40.82 -12.28 15.36
N ALA C 236 -41.26 -12.74 16.53
CA ALA C 236 -41.77 -11.89 17.59
C ALA C 236 -40.66 -11.02 18.16
N ILE C 237 -39.50 -11.63 18.41
CA ILE C 237 -38.37 -10.93 19.04
C ILE C 237 -37.80 -9.86 18.11
N MET C 238 -37.74 -10.19 16.82
CA MET C 238 -37.17 -9.30 15.82
C MET C 238 -38.04 -8.07 15.57
N GLN C 239 -39.34 -8.28 15.41
CA GLN C 239 -40.32 -7.18 15.30
C GLN C 239 -40.29 -6.34 16.57
N SER C 240 -40.20 -7.02 17.71
CA SER C 240 -40.01 -6.37 19.00
C SER C 240 -38.79 -5.45 18.99
N ASN C 241 -37.62 -5.98 18.66
CA ASN C 241 -36.39 -5.18 18.61
C ASN C 241 -36.40 -4.04 17.61
N LEU C 242 -37.02 -4.25 16.46
CA LEU C 242 -37.12 -3.22 15.41
C LEU C 242 -37.88 -2.00 15.90
N LYS C 243 -38.89 -2.24 16.75
CA LYS C 243 -39.70 -1.17 17.32
C LYS C 243 -38.88 -0.25 18.23
N GLU C 244 -38.07 -0.84 19.13
CA GLU C 244 -37.25 -0.07 20.07
C GLU C 244 -36.29 0.89 19.38
N SER C 245 -36.55 2.19 19.52
CA SER C 245 -35.69 3.29 19.01
C SER C 245 -35.43 3.32 17.49
N ARG C 246 -35.10 2.16 16.90
CA ARG C 246 -35.02 2.05 15.44
C ARG C 246 -36.43 2.02 14.82
N ASN C 247 -37.45 2.23 15.66
CA ASN C 247 -38.83 2.52 15.25
C ASN C 247 -39.18 2.11 13.81
N LEU C 248 -39.13 0.80 13.56
CA LEU C 248 -39.21 0.22 12.21
C LEU C 248 -40.14 -0.98 12.27
N GLU C 249 -40.68 -1.38 11.11
CA GLU C 249 -41.58 -2.51 11.05
C GLU C 249 -41.25 -3.50 9.95
N MET C 250 -41.42 -4.79 10.24
CA MET C 250 -41.39 -5.82 9.22
C MET C 250 -42.75 -6.49 9.07
N PRO C 251 -43.65 -5.89 8.25
CA PRO C 251 -45.07 -6.25 8.23
C PRO C 251 -45.39 -7.69 7.78
N THR C 252 -44.53 -8.30 6.97
CA THR C 252 -44.86 -9.62 6.42
C THR C 252 -43.96 -10.74 6.95
N LEU C 253 -43.19 -10.43 7.99
CA LEU C 253 -42.26 -11.40 8.59
C LEU C 253 -42.98 -12.66 9.03
N MET C 254 -44.13 -12.47 9.69
CA MET C 254 -44.95 -13.59 10.14
C MET C 254 -45.85 -14.13 9.02
N THR C 255 -46.17 -13.28 8.02
CA THR C 255 -46.91 -13.75 6.84
C THR C 255 -46.09 -14.72 6.01
N TYR C 256 -44.86 -14.32 5.65
CA TYR C 256 -43.92 -15.20 4.94
C TYR C 256 -42.90 -15.71 5.97
N ASN C 257 -43.32 -16.73 6.72
CA ASN C 257 -42.56 -17.15 7.89
C ASN C 257 -41.84 -18.43 7.58
N SER C 258 -41.93 -18.84 6.32
CA SER C 258 -41.22 -20.01 5.84
C SER C 258 -40.66 -19.71 4.47
N LYS C 259 -39.68 -20.50 4.02
CA LYS C 259 -39.04 -20.21 2.73
C LYS C 259 -40.01 -20.46 1.58
N GLU C 260 -40.93 -21.42 1.79
CA GLU C 260 -41.92 -21.76 0.77
C GLU C 260 -42.97 -20.66 0.60
N LYS C 261 -43.48 -20.13 1.71
CA LYS C 261 -44.40 -19.01 1.65
C LYS C 261 -43.71 -17.80 1.02
N TYR C 262 -42.42 -17.66 1.32
CA TYR C 262 -41.68 -16.50 0.84
C TYR C 262 -41.60 -16.56 -0.68
N ALA C 263 -41.18 -17.72 -1.18
CA ALA C 263 -40.97 -17.92 -2.60
C ALA C 263 -42.27 -17.79 -3.44
N SER C 264 -43.41 -17.93 -2.77
N SER C 264 -43.42 -17.89 -2.75
CA SER C 264 -44.73 -17.92 -3.40
CA SER C 264 -44.75 -17.92 -3.39
C SER C 264 -44.98 -16.61 -4.14
C SER C 264 -45.19 -16.57 -3.96
N ARG C 265 -44.46 -15.51 -3.59
CA ARG C 265 -44.66 -14.19 -4.18
C ARG C 265 -44.17 -14.09 -5.61
N TRP C 266 -43.31 -15.02 -6.01
CA TRP C 266 -42.73 -15.07 -7.34
C TRP C 266 -43.26 -16.27 -8.10
N SER C 267 -44.42 -16.77 -7.67
CA SER C 267 -45.09 -17.92 -8.33
C SER C 267 -45.33 -17.69 -9.82
N ALA C 268 -45.42 -16.42 -10.23
CA ALA C 268 -45.53 -16.03 -11.64
C ALA C 268 -44.35 -16.42 -12.51
N ALA C 269 -43.16 -16.50 -11.93
CA ALA C 269 -42.00 -17.01 -12.65
C ALA C 269 -41.98 -18.56 -12.72
N PRO C 270 -41.58 -19.12 -13.88
CA PRO C 270 -41.59 -20.59 -13.98
C PRO C 270 -40.51 -21.33 -13.17
N ASN C 271 -39.50 -20.60 -12.67
CA ASN C 271 -38.35 -21.22 -12.05
C ASN C 271 -38.00 -20.48 -10.79
N VAL C 272 -38.46 -20.99 -9.65
CA VAL C 272 -38.20 -20.39 -8.33
C VAL C 272 -37.43 -21.41 -7.46
N ILE C 273 -36.33 -20.95 -6.86
CA ILE C 273 -35.47 -21.75 -5.99
C ILE C 273 -35.42 -20.96 -4.68
N VAL C 274 -35.51 -21.66 -3.56
CA VAL C 274 -35.43 -21.02 -2.28
C VAL C 274 -34.69 -21.93 -1.29
N ASN C 275 -33.82 -21.32 -0.47
CA ASN C 275 -33.02 -22.00 0.55
C ASN C 275 -32.87 -21.05 1.71
N ASP C 276 -32.92 -21.57 2.93
CA ASP C 276 -32.51 -20.77 4.08
C ASP C 276 -30.99 -20.76 4.12
N MET C 277 -30.42 -19.86 4.90
CA MET C 277 -28.96 -19.60 4.86
C MET C 277 -28.16 -20.72 5.52
N TRP C 278 -28.81 -21.43 6.43
CA TRP C 278 -28.24 -22.63 7.03
C TRP C 278 -28.04 -23.69 5.96
N GLU C 279 -29.04 -23.88 5.09
CA GLU C 279 -28.90 -24.83 3.98
C GLU C 279 -27.78 -24.45 3.04
N ILE C 280 -27.75 -23.18 2.67
CA ILE C 280 -26.67 -22.64 1.86
C ILE C 280 -25.30 -22.93 2.51
N PHE C 281 -25.16 -22.67 3.81
CA PHE C 281 -23.88 -22.90 4.53
C PHE C 281 -23.40 -24.35 4.41
N ASN C 282 -24.36 -25.26 4.56
CA ASN C 282 -24.06 -26.70 4.56
C ASN C 282 -23.96 -27.35 3.18
N ALA C 283 -24.67 -26.81 2.20
CA ALA C 283 -24.75 -27.44 0.88
C ALA C 283 -24.05 -26.66 -0.22
N GLN C 284 -23.92 -25.36 -0.06
CA GLN C 284 -23.46 -24.51 -1.16
C GLN C 284 -22.12 -23.81 -0.95
N ILE C 285 -21.60 -23.89 0.26
CA ILE C 285 -20.29 -23.34 0.61
C ILE C 285 -19.32 -24.52 0.61
N PRO C 286 -18.28 -24.45 -0.22
CA PRO C 286 -17.29 -25.50 -0.28
C PRO C 286 -16.58 -25.69 1.05
N GLU C 287 -16.15 -26.91 1.31
CA GLU C 287 -15.39 -27.23 2.53
C GLU C 287 -14.21 -26.29 2.78
N SER C 288 -13.48 -25.93 1.72
CA SER C 288 -12.31 -25.07 1.85
C SER C 288 -12.68 -23.68 2.42
N GLU C 289 -13.87 -23.19 2.10
CA GLU C 289 -14.40 -21.94 2.64
C GLU C 289 -14.79 -22.10 4.10
N ARG C 290 -15.43 -23.22 4.43
CA ARG C 290 -15.78 -23.50 5.81
C ARG C 290 -14.53 -23.59 6.66
N LYS C 291 -13.51 -24.23 6.10
CA LYS C 291 -12.21 -24.28 6.70
C LYS C 291 -11.58 -22.89 6.88
N ARG C 292 -11.51 -22.13 5.79
CA ARG C 292 -11.01 -20.75 5.86
C ARG C 292 -11.74 -19.93 6.92
N LEU C 293 -13.06 -19.97 6.94
CA LEU C 293 -13.80 -19.23 7.98
C LEU C 293 -13.50 -19.65 9.42
N ARG C 294 -13.38 -20.96 9.64
CA ARG C 294 -12.97 -21.45 10.98
C ARG C 294 -11.63 -20.85 11.44
N SER C 295 -10.76 -20.47 10.49
CA SER C 295 -9.44 -19.92 10.84
C SER C 295 -9.53 -18.51 11.40
N LEU C 296 -10.64 -17.83 11.11
CA LEU C 296 -10.74 -16.37 11.41
C LEU C 296 -11.15 -16.05 12.80
N GLN C 297 -12.23 -16.69 13.26
CA GLN C 297 -12.74 -16.48 14.61
C GLN C 297 -13.28 -17.82 15.17
N PHE C 298 -13.58 -17.85 16.45
CA PHE C 298 -14.20 -18.99 17.07
C PHE C 298 -15.73 -18.85 16.97
N LEU C 299 -16.36 -19.81 16.31
CA LEU C 299 -17.81 -19.96 16.37
C LEU C 299 -18.05 -21.00 17.45
N ASP C 300 -18.22 -20.53 18.68
CA ASP C 300 -18.32 -21.46 19.78
C ASP C 300 -19.68 -22.11 19.80
N GLU C 301 -20.64 -21.49 19.12
CA GLU C 301 -22.04 -21.89 19.26
C GLU C 301 -22.68 -22.14 17.90
N LEU C 302 -22.37 -23.30 17.34
CA LEU C 302 -22.88 -23.66 16.02
C LEU C 302 -24.42 -23.67 15.99
N GLU C 303 -25.05 -24.16 17.07
CA GLU C 303 -26.51 -24.20 17.12
C GLU C 303 -27.17 -22.80 17.06
N GLU C 304 -26.47 -21.81 17.58
CA GLU C 304 -26.90 -20.42 17.50
C GLU C 304 -26.83 -19.91 16.07
N LEU C 305 -25.80 -20.33 15.34
CA LEU C 305 -25.70 -19.93 13.96
C LEU C 305 -26.87 -20.55 13.17
N LYS C 306 -27.15 -21.83 13.43
CA LYS C 306 -28.24 -22.52 12.75
C LYS C 306 -29.61 -21.85 12.98
N VAL C 307 -29.89 -21.51 14.23
CA VAL C 307 -31.15 -20.89 14.63
C VAL C 307 -31.29 -19.53 13.94
N MET C 308 -30.19 -18.80 13.82
N MET C 308 -30.19 -18.79 13.82
CA MET C 308 -30.21 -17.50 13.13
CA MET C 308 -30.23 -17.51 13.12
C MET C 308 -30.37 -17.65 11.62
C MET C 308 -30.42 -17.70 11.63
N GLN C 309 -29.54 -18.49 11.04
CA GLN C 309 -29.50 -18.65 9.59
C GLN C 309 -30.68 -19.41 8.97
N THR C 310 -31.36 -20.23 9.77
CA THR C 310 -32.57 -20.86 9.28
C THR C 310 -33.70 -19.83 9.16
N HIS C 311 -33.54 -18.65 9.76
CA HIS C 311 -34.50 -17.56 9.60
C HIS C 311 -34.16 -16.51 8.53
N TYR C 312 -33.26 -16.81 7.60
CA TYR C 312 -32.97 -15.92 6.50
C TYR C 312 -32.95 -16.73 5.27
N ILE C 313 -33.52 -16.22 4.19
CA ILE C 313 -33.61 -17.02 2.99
C ILE C 313 -33.04 -16.29 1.80
N LEU C 314 -32.60 -17.05 0.83
CA LEU C 314 -32.18 -16.54 -0.46
C LEU C 314 -33.10 -17.17 -1.50
N MET C 315 -33.82 -16.29 -2.22
CA MET C 315 -34.88 -16.68 -3.15
C MET C 315 -34.35 -16.28 -4.50
N LYS C 316 -34.30 -17.22 -5.44
CA LYS C 316 -33.99 -16.90 -6.83
C LYS C 316 -35.18 -17.25 -7.74
N ALA C 317 -35.72 -16.23 -8.40
CA ALA C 317 -36.87 -16.42 -9.31
C ALA C 317 -36.43 -16.03 -10.68
N GLN C 318 -36.52 -16.98 -11.60
CA GLN C 318 -36.08 -16.81 -12.96
C GLN C 318 -37.22 -16.98 -13.97
N TRP C 319 -37.30 -16.05 -14.91
CA TRP C 319 -38.31 -16.09 -15.97
C TRP C 319 -37.64 -15.86 -17.33
P PO4 D . 6.16 -3.98 12.90
O1 PO4 D . 5.00 -3.00 12.76
O2 PO4 D . 6.94 -4.00 11.60
O3 PO4 D . 7.10 -3.48 14.01
O4 PO4 D . 5.66 -5.38 13.25
P PO4 E . 17.60 2.71 -15.27
O1 PO4 E . 16.68 2.42 -14.11
O2 PO4 E . 17.07 2.15 -16.61
O3 PO4 E . 17.82 4.23 -15.31
O4 PO4 E . 18.92 2.11 -14.92
P PO4 F . -20.93 -5.76 -1.74
O1 PO4 F . -22.40 -6.18 -1.67
O2 PO4 F . -20.34 -6.02 -3.09
O3 PO4 F . -20.82 -4.28 -1.41
O4 PO4 F . -20.24 -6.67 -0.72
#